data_4JPV
#
_entry.id   4JPV
#
_cell.length_a   68.627
_cell.length_b   69.887
_cell.length_c   231.633
_cell.angle_alpha   90.00
_cell.angle_beta   90.00
_cell.angle_gamma   90.00
#
_symmetry.space_group_name_H-M   'P 21 21 21'
#
loop_
_entity.id
_entity.type
_entity.pdbx_description
1 polymer 'HIV-1 CLADE A STRAIN 93TH057 GP120 WITH LOOP d AND LOOPD V5 REPLACED FROM HIV STRAIN 3415V1'
2 polymer 'HEAVY CHAIN OF ANTIBODY 3BNC117'
3 polymer 'LIGHT CHAIN OF ANTIBODY 3BNC117'
4 non-polymer 2-acetamido-2-deoxy-beta-D-glucopyranose
5 non-polymer '4-(2-HYDROXYETHYL)-1-PIPERAZINE ETHANESULFONIC ACID'
6 non-polymer 1,2-ETHANEDIOL
7 water water
#
loop_
_entity_poly.entity_id
_entity_poly.type
_entity_poly.pdbx_seq_one_letter_code
_entity_poly.pdbx_strand_id
1 'polypeptide(L)'
;VWKDADTTLFCASDAKAHETEVHNVWATHACVPTDPNPQEIHLENVTENFNMWKNNMVEQMQEDVISLWDQSLQPCVKLT
GGSVIKQACPKISFDPIPIHYCTPAGYVILKCNDKNFNGTGPCKNVSSVQCTHGIKPVVSTQLLLNGSLAEEEIIIRTEN
ITDNAKTIIVHLNKSVEINCTRPSNGGSGSGGDIRKAYCEINGTKWNKVLKQVTEKLKEHFNNKTIIFQPPSGGDLEITM
HHFNCRGEFFYCNTTQLFNNTCIGNETMKGCNGTITLPCKIKQIINMWQGTGQAMYAPPIDGKINCVSNITGILLTRDGG
ENNSTEIFRPGGGNIKDNWRSELYKYKVVQIE
;
G
2 'polypeptide(L)'
;QVQLLQSGAAVTKPGASVRVSCEASGYNIRDYFIHWWRQAPGQGLQWVGWINPKTGQPNNPRQFQGRVSLTRHASWDFDT
YSFYMDLKALRSDDTAVYFCARQRSDYWDFDVWGSGTQVTVSSASTKGPSVFPLAPSSKSTSGGTAALGCLVKDYFPEPV
TVSWNSGALTSGVHTFPAVLQSSGLYSLSSVVTVPSSSLGTQTYICNVNHKPSNTKVDKKVEPKSC
;
H
3 'polypeptide(L)'
;DIQMTQSPSSLSASVGDTVTITCQANGYLNWYQQRRGKAPKLLIYDGSKLERGVPSRFSGRRWGQEYNLTINNLQPEDIA
TYFCQVYEFVVPGTRLDLKRTVAAPSVFIFPPSDEQLKSGTASVVCLLNNFYPREAKVQWKVDNALQSGNSQESVTEQDS
KDSTYSLSSTLTLSKADYEKHKVYACEVTHQGLSSPVTKSFNRGEC
;
L
#
# COMPACT_ATOMS: atom_id res chain seq x y z
N VAL A 1 40.35 -18.82 -12.92
CA VAL A 1 39.37 -17.82 -13.30
C VAL A 1 38.08 -18.50 -13.75
N TRP A 2 36.96 -17.98 -13.25
CA TRP A 2 35.63 -18.52 -13.53
C TRP A 2 34.64 -17.38 -13.65
N LYS A 3 33.35 -17.70 -13.62
CA LYS A 3 32.30 -16.70 -13.60
C LYS A 3 31.01 -17.27 -13.05
N ASP A 4 30.20 -16.43 -12.42
CA ASP A 4 28.88 -16.83 -11.93
C ASP A 4 28.03 -17.29 -13.12
N ALA A 5 27.46 -18.48 -13.00
CA ALA A 5 26.74 -19.08 -14.12
C ALA A 5 25.57 -19.92 -13.64
N ASP A 6 24.56 -20.04 -14.49
CA ASP A 6 23.41 -20.91 -14.21
C ASP A 6 23.45 -22.16 -15.09
N THR A 7 22.97 -23.28 -14.56
CA THR A 7 22.91 -24.53 -15.30
C THR A 7 22.05 -25.55 -14.58
N THR A 8 21.77 -26.65 -15.23
CA THR A 8 20.93 -27.68 -14.64
C THR A 8 21.76 -28.53 -13.69
N LEU A 9 21.32 -28.59 -12.44
CA LEU A 9 22.00 -29.42 -11.46
C LEU A 9 21.50 -30.85 -11.54
N PHE A 10 22.05 -31.71 -10.68
CA PHE A 10 21.50 -33.02 -10.46
C PHE A 10 21.61 -33.32 -8.97
N CYS A 11 20.99 -34.41 -8.52
CA CYS A 11 20.86 -34.59 -7.08
C CYS A 11 21.32 -35.96 -6.61
N ALA A 12 21.68 -36.02 -5.34
CA ALA A 12 22.21 -37.24 -4.76
C ALA A 12 21.53 -37.50 -3.41
N SER A 13 21.36 -38.78 -3.06
CA SER A 13 20.73 -39.14 -1.80
C SER A 13 21.05 -40.56 -1.38
N ASP A 14 20.46 -40.99 -0.27
CA ASP A 14 20.62 -42.36 0.21
C ASP A 14 19.27 -43.06 0.24
N ALA A 15 18.46 -42.78 -0.76
CA ALA A 15 17.16 -43.40 -0.91
C ALA A 15 17.30 -44.92 -0.97
N LYS A 16 16.49 -45.62 -0.18
CA LYS A 16 16.47 -47.07 -0.21
C LYS A 16 15.42 -47.55 -1.22
N ALA A 17 15.83 -48.48 -2.08
CA ALA A 17 14.98 -48.91 -3.18
C ALA A 17 13.81 -49.79 -2.74
N HIS A 18 13.85 -50.25 -1.48
CA HIS A 18 12.79 -51.11 -0.96
C HIS A 18 11.76 -50.28 -0.20
N GLU A 19 12.17 -49.08 0.17
CA GLU A 19 11.30 -48.18 0.92
C GLU A 19 10.10 -47.79 0.07
N THR A 20 8.92 -47.80 0.69
CA THR A 20 7.73 -47.31 0.01
C THR A 20 7.47 -45.84 0.40
N GLU A 21 8.31 -45.29 1.26
CA GLU A 21 8.17 -43.90 1.66
C GLU A 21 8.37 -43.01 0.43
N VAL A 22 7.50 -42.01 0.27
CA VAL A 22 7.43 -41.24 -0.97
C VAL A 22 8.70 -40.47 -1.36
N HIS A 23 9.39 -39.88 -0.40
CA HIS A 23 10.64 -39.20 -0.71
C HIS A 23 11.70 -40.22 -1.20
N ASN A 24 11.74 -41.37 -0.53
CA ASN A 24 12.60 -42.47 -0.95
C ASN A 24 12.37 -42.98 -2.38
N VAL A 25 11.11 -43.13 -2.75
CA VAL A 25 10.75 -43.58 -4.10
C VAL A 25 11.19 -42.57 -5.16
N TRP A 26 10.84 -41.31 -4.96
CA TRP A 26 11.23 -40.24 -5.87
C TRP A 26 12.74 -40.16 -6.07
N ALA A 27 13.50 -40.05 -4.97
CA ALA A 27 14.95 -39.90 -5.06
C ALA A 27 15.61 -41.14 -5.64
N THR A 28 14.91 -42.27 -5.62
CA THR A 28 15.46 -43.49 -6.19
C THR A 28 15.54 -43.36 -7.72
N HIS A 29 14.64 -42.56 -8.28
CA HIS A 29 14.56 -42.42 -9.73
C HIS A 29 15.05 -41.07 -10.23
N ALA A 30 15.30 -40.13 -9.32
CA ALA A 30 15.76 -38.80 -9.73
C ALA A 30 17.17 -38.49 -9.28
N CYS A 31 17.71 -39.33 -8.39
CA CYS A 31 18.98 -39.02 -7.74
C CYS A 31 20.01 -40.14 -7.78
N VAL A 32 21.28 -39.75 -7.80
CA VAL A 32 22.38 -40.70 -7.80
C VAL A 32 22.76 -40.99 -6.36
N PRO A 33 23.44 -42.12 -6.10
CA PRO A 33 23.88 -42.35 -4.73
C PRO A 33 24.93 -41.32 -4.31
N THR A 34 25.02 -41.05 -3.01
CA THR A 34 25.99 -40.09 -2.50
C THR A 34 27.42 -40.61 -2.58
N ASP A 35 28.36 -39.66 -2.69
CA ASP A 35 29.79 -39.97 -2.66
C ASP A 35 30.24 -40.24 -1.23
N PRO A 36 30.89 -41.39 -1.01
CA PRO A 36 31.49 -41.72 0.29
C PRO A 36 32.40 -40.62 0.81
N ASN A 37 33.44 -40.28 0.05
CA ASN A 37 34.38 -39.25 0.45
C ASN A 37 34.40 -38.08 -0.52
N PRO A 38 33.55 -37.06 -0.26
CA PRO A 38 33.56 -35.84 -1.06
C PRO A 38 34.78 -34.99 -0.70
N GLN A 39 35.34 -34.30 -1.68
CA GLN A 39 36.45 -33.41 -1.41
C GLN A 39 35.97 -31.97 -1.30
N GLU A 40 36.58 -31.24 -0.37
CA GLU A 40 36.41 -29.81 -0.29
C GLU A 40 37.80 -29.19 -0.32
N ILE A 41 37.98 -28.16 -1.14
CA ILE A 41 39.26 -27.48 -1.24
C ILE A 41 39.08 -26.01 -0.86
N HIS A 42 39.81 -25.57 0.16
CA HIS A 42 39.72 -24.20 0.61
C HIS A 42 40.64 -23.32 -0.24
N LEU A 43 40.08 -22.26 -0.80
CA LEU A 43 40.79 -21.39 -1.72
C LEU A 43 41.47 -20.24 -0.96
N GLU A 44 42.78 -20.08 -1.16
CA GLU A 44 43.55 -19.08 -0.43
C GLU A 44 43.39 -17.68 -1.01
N ASN A 45 43.15 -16.72 -0.12
CA ASN A 45 43.04 -15.30 -0.48
C ASN A 45 42.10 -15.03 -1.66
N VAL A 46 40.87 -15.54 -1.55
CA VAL A 46 39.87 -15.36 -2.59
C VAL A 46 38.61 -14.77 -1.97
N THR A 47 38.01 -13.80 -2.66
CA THR A 47 36.76 -13.20 -2.19
C THR A 47 35.66 -13.24 -3.25
N GLU A 48 34.56 -13.92 -2.93
CA GLU A 48 33.40 -14.01 -3.82
C GLU A 48 32.16 -13.36 -3.21
N ASN A 49 31.40 -12.66 -4.04
CA ASN A 49 30.13 -12.11 -3.61
C ASN A 49 29.02 -13.14 -3.72
N PHE A 50 28.19 -13.22 -2.68
CA PHE A 50 27.03 -14.11 -2.71
C PHE A 50 25.76 -13.29 -2.61
N ASN A 51 24.64 -13.92 -2.94
CA ASN A 51 23.34 -13.30 -2.82
C ASN A 51 22.28 -14.38 -2.76
N MET A 52 21.97 -14.82 -1.55
CA MET A 52 21.03 -15.91 -1.34
C MET A 52 19.65 -15.62 -1.95
N TRP A 53 19.37 -14.34 -2.22
CA TRP A 53 18.06 -13.94 -2.72
C TRP A 53 17.98 -13.97 -4.23
N LYS A 54 19.11 -14.17 -4.88
CA LYS A 54 19.16 -14.30 -6.32
C LYS A 54 20.01 -15.51 -6.70
N ASN A 55 19.59 -16.67 -6.21
CA ASN A 55 20.35 -17.90 -6.36
C ASN A 55 19.51 -18.99 -7.05
N ASN A 56 19.76 -19.18 -8.34
CA ASN A 56 18.98 -20.11 -9.17
C ASN A 56 18.91 -21.54 -8.62
N MET A 57 19.77 -21.87 -7.66
CA MET A 57 19.73 -23.19 -7.02
C MET A 57 18.35 -23.41 -6.42
N VAL A 58 17.78 -22.35 -5.89
CA VAL A 58 16.47 -22.38 -5.25
C VAL A 58 15.34 -22.80 -6.18
N GLU A 59 15.26 -22.13 -7.33
CA GLU A 59 14.23 -22.42 -8.34
C GLU A 59 14.12 -23.91 -8.61
N GLN A 60 15.26 -24.56 -8.74
CA GLN A 60 15.33 -25.97 -9.09
C GLN A 60 14.88 -26.91 -7.97
N MET A 61 15.29 -26.63 -6.73
CA MET A 61 14.83 -27.43 -5.61
C MET A 61 13.31 -27.29 -5.52
N GLN A 62 12.84 -26.09 -5.80
CA GLN A 62 11.41 -25.79 -5.81
C GLN A 62 10.67 -26.64 -6.82
N GLU A 63 11.22 -26.77 -8.04
CA GLU A 63 10.59 -27.60 -9.05
C GLU A 63 10.59 -29.06 -8.60
N ASP A 64 11.66 -29.47 -7.92
CA ASP A 64 11.79 -30.83 -7.44
C ASP A 64 10.68 -31.22 -6.47
N VAL A 65 10.48 -30.42 -5.43
CA VAL A 65 9.48 -30.78 -4.42
C VAL A 65 8.05 -30.69 -4.98
N ILE A 66 7.77 -29.66 -5.76
CA ILE A 66 6.46 -29.53 -6.40
C ILE A 66 6.12 -30.82 -7.17
N SER A 67 7.11 -31.33 -7.89
CA SER A 67 6.98 -32.59 -8.61
C SER A 67 6.86 -33.77 -7.66
N LEU A 68 7.55 -33.71 -6.53
CA LEU A 68 7.49 -34.78 -5.55
C LEU A 68 6.07 -34.88 -5.00
N TRP A 69 5.52 -33.76 -4.57
CA TRP A 69 4.16 -33.73 -4.01
C TRP A 69 3.07 -34.07 -5.02
N ASP A 70 3.30 -33.71 -6.27
CA ASP A 70 2.27 -33.88 -7.30
C ASP A 70 2.08 -35.35 -7.65
N GLN A 71 3.12 -36.14 -7.44
CA GLN A 71 3.10 -37.56 -7.77
C GLN A 71 2.70 -38.39 -6.56
N SER A 72 2.97 -37.86 -5.37
CA SER A 72 2.90 -38.66 -4.16
C SER A 72 1.63 -38.45 -3.35
N LEU A 73 1.29 -37.20 -3.05
CA LEU A 73 0.02 -36.98 -2.37
C LEU A 73 -0.99 -36.18 -3.19
N GLN A 74 -1.82 -36.92 -3.92
CA GLN A 74 -2.88 -36.35 -4.72
C GLN A 74 -4.22 -36.41 -3.97
N PRO A 75 -4.93 -35.29 -3.93
CA PRO A 75 -6.12 -35.22 -3.09
C PRO A 75 -7.32 -35.92 -3.72
N CYS A 76 -8.36 -36.18 -2.93
CA CYS A 76 -9.58 -36.78 -3.45
C CYS A 76 -10.24 -35.79 -4.38
N VAL A 77 -10.13 -34.51 -4.05
CA VAL A 77 -10.78 -33.46 -4.83
C VAL A 77 -9.83 -32.28 -4.96
N LYS A 78 -9.79 -31.70 -6.15
CA LYS A 78 -9.11 -30.42 -6.35
C LYS A 78 -9.77 -29.62 -7.47
N LEU A 79 -9.51 -28.32 -7.51
CA LEU A 79 -10.07 -27.46 -8.55
C LEU A 79 -9.10 -27.22 -9.71
N THR A 80 -9.65 -27.10 -10.91
CA THR A 80 -8.86 -26.75 -12.09
C THR A 80 -9.61 -25.70 -12.90
N GLY A 81 -9.27 -24.43 -12.65
CA GLY A 81 -10.01 -23.34 -13.25
C GLY A 81 -11.44 -23.36 -12.77
N GLY A 82 -12.35 -23.84 -13.61
CA GLY A 82 -13.75 -23.92 -13.25
C GLY A 82 -14.28 -25.34 -13.23
N SER A 83 -13.39 -26.30 -13.02
CA SER A 83 -13.77 -27.71 -13.03
C SER A 83 -13.25 -28.47 -11.80
N VAL A 84 -14.03 -29.45 -11.35
CA VAL A 84 -13.72 -30.22 -10.15
C VAL A 84 -13.12 -31.58 -10.48
N ILE A 85 -11.90 -31.83 -9.99
CA ILE A 85 -11.22 -33.09 -10.26
C ILE A 85 -11.38 -34.09 -9.12
N LYS A 86 -11.84 -35.30 -9.42
CA LYS A 86 -11.95 -36.35 -8.41
C LYS A 86 -11.03 -37.51 -8.72
N GLN A 87 -10.20 -37.89 -7.77
CA GLN A 87 -9.31 -39.04 -7.92
C GLN A 87 -9.13 -39.82 -6.63
N ALA A 88 -8.67 -41.06 -6.76
CA ALA A 88 -8.34 -41.89 -5.60
C ALA A 88 -7.19 -41.26 -4.81
N CYS A 89 -7.34 -41.23 -3.48
CA CYS A 89 -6.39 -40.54 -2.60
C CYS A 89 -6.06 -41.37 -1.38
N PRO A 90 -5.31 -42.46 -1.56
CA PRO A 90 -5.02 -43.40 -0.47
C PRO A 90 -3.98 -42.83 0.49
N LYS A 91 -3.84 -43.44 1.66
CA LYS A 91 -2.84 -43.02 2.62
C LYS A 91 -1.42 -43.42 2.19
N ILE A 92 -0.43 -42.67 2.67
CA ILE A 92 0.95 -42.87 2.23
C ILE A 92 1.92 -42.75 3.41
N SER A 93 3.15 -43.22 3.21
CA SER A 93 4.22 -42.99 4.19
C SER A 93 4.99 -41.72 3.86
N PHE A 94 5.24 -40.89 4.87
CA PHE A 94 5.77 -39.55 4.66
C PHE A 94 6.81 -39.18 5.71
N ASP A 95 8.05 -39.03 5.27
CA ASP A 95 9.18 -38.67 6.12
C ASP A 95 10.30 -38.20 5.22
N PRO A 96 10.51 -36.87 5.11
CA PRO A 96 11.48 -36.33 4.14
C PRO A 96 12.95 -36.67 4.43
N ILE A 97 13.70 -36.93 3.36
CA ILE A 97 15.09 -37.34 3.46
C ILE A 97 16.04 -36.30 2.86
N PRO A 98 17.30 -36.25 3.34
CA PRO A 98 18.24 -35.23 2.85
C PRO A 98 18.67 -35.41 1.39
N ILE A 99 18.56 -34.32 0.61
CA ILE A 99 18.88 -34.30 -0.80
C ILE A 99 20.05 -33.35 -1.06
N HIS A 100 21.14 -33.85 -1.62
CA HIS A 100 22.29 -33.02 -1.99
C HIS A 100 22.18 -32.56 -3.45
N TYR A 101 22.53 -31.31 -3.71
CA TYR A 101 22.55 -30.80 -5.08
C TYR A 101 23.98 -30.73 -5.65
N CYS A 102 24.12 -31.20 -6.89
CA CYS A 102 25.43 -31.44 -7.49
C CYS A 102 25.58 -30.79 -8.87
N THR A 103 26.73 -30.17 -9.13
CA THR A 103 26.96 -29.53 -10.43
C THR A 103 27.42 -30.52 -11.48
N PRO A 104 27.13 -30.22 -12.76
CA PRO A 104 27.61 -31.08 -13.85
C PRO A 104 29.06 -30.77 -14.24
N ALA A 105 29.59 -31.54 -15.18
CA ALA A 105 30.95 -31.35 -15.66
C ALA A 105 31.14 -29.96 -16.26
N GLY A 106 32.16 -29.25 -15.78
CA GLY A 106 32.45 -27.91 -16.23
C GLY A 106 32.01 -26.82 -15.27
N TYR A 107 31.38 -27.23 -14.17
CA TYR A 107 30.96 -26.27 -13.15
C TYR A 107 31.40 -26.75 -11.76
N VAL A 108 31.42 -25.82 -10.81
CA VAL A 108 31.54 -26.17 -9.40
C VAL A 108 30.63 -25.29 -8.54
N ILE A 109 30.52 -25.66 -7.27
CA ILE A 109 29.80 -24.91 -6.28
C ILE A 109 30.80 -24.17 -5.43
N LEU A 110 30.54 -22.90 -5.13
CA LEU A 110 31.38 -22.17 -4.19
C LEU A 110 30.67 -22.02 -2.86
N LYS A 111 31.41 -22.13 -1.77
CA LYS A 111 30.82 -22.18 -0.43
C LYS A 111 31.43 -21.13 0.47
N CYS A 112 30.59 -20.50 1.29
CA CYS A 112 31.05 -19.46 2.21
C CYS A 112 31.32 -20.04 3.60
N ASN A 113 32.46 -19.71 4.18
CA ASN A 113 32.83 -20.24 5.50
C ASN A 113 32.83 -19.21 6.63
N ASP A 114 32.63 -17.94 6.29
CA ASP A 114 32.47 -16.90 7.30
C ASP A 114 31.28 -17.24 8.19
N LYS A 115 31.53 -17.32 9.50
CA LYS A 115 30.54 -17.81 10.44
C LYS A 115 29.39 -16.83 10.69
N ASN A 116 29.63 -15.55 10.44
CA ASN A 116 28.60 -14.53 10.60
C ASN A 116 28.20 -13.90 9.27
N PHE A 117 27.98 -14.75 8.28
CA PHE A 117 27.57 -14.30 6.96
C PHE A 117 26.05 -14.24 6.88
N ASN A 118 25.52 -13.10 6.45
CA ASN A 118 24.08 -12.90 6.43
C ASN A 118 23.40 -13.36 5.15
N GLY A 119 24.21 -13.68 4.14
CA GLY A 119 23.68 -14.22 2.90
C GLY A 119 23.90 -13.28 1.72
N THR A 120 24.23 -12.03 2.01
CA THR A 120 24.33 -11.03 0.95
C THR A 120 25.54 -10.12 1.10
N GLY A 121 26.61 -10.43 0.36
CA GLY A 121 27.78 -9.59 0.35
C GLY A 121 29.07 -10.36 0.08
N PRO A 122 30.21 -9.70 0.26
CA PRO A 122 31.53 -10.33 0.12
C PRO A 122 31.78 -11.41 1.17
N CYS A 123 32.43 -12.49 0.77
CA CYS A 123 32.83 -13.55 1.69
C CYS A 123 34.31 -13.85 1.50
N LYS A 124 35.07 -13.78 2.59
CA LYS A 124 36.53 -13.89 2.50
C LYS A 124 37.07 -15.33 2.60
N ASN A 125 36.47 -16.14 3.46
CA ASN A 125 36.89 -17.53 3.62
C ASN A 125 36.07 -18.46 2.71
N VAL A 126 36.50 -18.61 1.46
CA VAL A 126 35.75 -19.39 0.47
C VAL A 126 36.38 -20.75 0.18
N SER A 127 35.57 -21.78 0.00
CA SER A 127 36.05 -23.09 -0.45
C SER A 127 35.26 -23.57 -1.67
N SER A 128 35.47 -24.81 -2.09
CA SER A 128 34.74 -25.35 -3.24
C SER A 128 34.39 -26.83 -3.07
N VAL A 129 33.15 -27.17 -3.43
CA VAL A 129 32.67 -28.53 -3.26
C VAL A 129 31.96 -29.06 -4.51
N GLN A 130 31.67 -30.36 -4.53
CA GLN A 130 30.99 -30.97 -5.67
C GLN A 130 29.48 -31.02 -5.44
N CYS A 131 29.09 -31.02 -4.18
CA CYS A 131 27.69 -31.14 -3.78
C CYS A 131 27.45 -30.30 -2.53
N THR A 132 26.18 -29.96 -2.30
CA THR A 132 25.77 -29.29 -1.07
C THR A 132 25.72 -30.31 0.03
N HIS A 133 25.34 -29.88 1.24
CA HIS A 133 25.07 -30.81 2.32
C HIS A 133 23.70 -31.41 2.09
N GLY A 134 23.36 -32.43 2.88
CA GLY A 134 22.05 -33.04 2.75
C GLY A 134 20.95 -32.15 3.29
N ILE A 135 19.96 -31.84 2.44
CA ILE A 135 18.87 -30.94 2.81
C ILE A 135 17.52 -31.64 2.75
N LYS A 136 16.83 -31.71 3.87
CA LYS A 136 15.47 -32.27 3.88
C LYS A 136 14.51 -31.23 3.32
N PRO A 137 13.72 -31.63 2.31
CA PRO A 137 12.74 -30.74 1.70
C PRO A 137 11.49 -30.54 2.56
N VAL A 138 11.68 -30.08 3.81
CA VAL A 138 10.60 -29.84 4.76
C VAL A 138 9.74 -28.61 4.42
N VAL A 139 8.45 -28.81 4.19
CA VAL A 139 7.54 -27.70 3.90
C VAL A 139 6.79 -27.27 5.17
N SER A 140 6.92 -25.98 5.52
CA SER A 140 6.20 -25.42 6.67
C SER A 140 6.18 -23.89 6.68
N THR A 141 5.39 -23.34 7.59
CA THR A 141 5.25 -21.89 7.69
C THR A 141 5.63 -21.43 9.09
N GLN A 142 5.84 -20.13 9.26
CA GLN A 142 6.18 -19.54 10.55
C GLN A 142 7.52 -20.02 11.14
N LEU A 143 7.63 -21.32 11.38
CA LEU A 143 8.85 -21.93 11.91
C LEU A 143 9.58 -22.77 10.85
N LEU A 144 10.90 -22.88 10.98
CA LEU A 144 11.71 -23.71 10.08
C LEU A 144 12.19 -24.95 10.81
N LEU A 145 11.86 -26.12 10.27
CA LEU A 145 12.11 -27.37 10.98
C LEU A 145 13.16 -28.28 10.35
N ASN A 146 13.91 -28.97 11.20
CA ASN A 146 14.88 -29.98 10.77
C ASN A 146 15.98 -29.48 9.85
N GLY A 147 16.26 -28.18 9.91
CA GLY A 147 17.33 -27.60 9.11
C GLY A 147 18.69 -27.57 9.79
N SER A 148 19.53 -26.61 9.38
CA SER A 148 20.86 -26.48 9.97
C SER A 148 20.99 -25.23 10.85
N LEU A 149 21.88 -25.28 11.83
CA LEU A 149 22.03 -24.21 12.80
C LEU A 149 23.18 -23.29 12.43
N ALA A 150 23.06 -22.02 12.80
CA ALA A 150 24.14 -21.09 12.57
C ALA A 150 25.27 -21.39 13.56
N GLU A 151 26.52 -21.29 13.10
CA GLU A 151 27.66 -21.68 13.91
C GLU A 151 27.98 -20.73 15.07
N GLU A 152 26.95 -20.07 15.61
CA GLU A 152 27.09 -19.06 16.67
C GLU A 152 27.92 -17.88 16.19
N GLU A 153 27.36 -16.67 16.17
CA GLU A 153 26.11 -16.31 16.82
C GLU A 153 24.84 -16.39 15.95
N ILE A 154 23.76 -15.78 16.44
CA ILE A 154 22.47 -15.73 15.74
C ILE A 154 22.48 -14.70 14.61
N ILE A 155 21.82 -15.04 13.50
CA ILE A 155 21.94 -14.27 12.26
C ILE A 155 20.59 -13.83 11.70
N ILE A 156 20.53 -12.57 11.27
CA ILE A 156 19.34 -12.03 10.64
C ILE A 156 19.53 -11.85 9.13
N ARG A 157 18.64 -12.44 8.34
CA ARG A 157 18.73 -12.39 6.88
C ARG A 157 17.50 -11.72 6.30
N THR A 158 17.68 -10.91 5.26
CA THR A 158 16.55 -10.17 4.70
C THR A 158 16.55 -10.02 3.19
N GLU A 159 17.55 -9.27 2.72
CA GLU A 159 17.71 -8.75 1.34
C GLU A 159 17.73 -7.24 1.44
N ASN A 160 16.68 -6.69 2.04
CA ASN A 160 16.68 -5.28 2.38
C ASN A 160 15.81 -5.05 3.62
N ILE A 161 16.46 -4.85 4.76
CA ILE A 161 15.75 -4.77 6.03
C ILE A 161 14.86 -3.55 6.11
N THR A 162 15.26 -2.47 5.45
CA THR A 162 14.46 -1.25 5.44
C THR A 162 13.20 -1.37 4.56
N ASP A 163 13.12 -2.48 3.82
CA ASP A 163 11.92 -2.82 3.07
C ASP A 163 11.04 -3.73 3.93
N ASN A 164 9.83 -3.27 4.24
CA ASN A 164 8.92 -4.06 5.07
C ASN A 164 8.22 -5.18 4.29
N ALA A 165 8.29 -5.13 2.97
CA ALA A 165 7.70 -6.17 2.15
C ALA A 165 8.65 -7.34 1.96
N LYS A 166 9.82 -7.26 2.59
CA LYS A 166 10.84 -8.30 2.48
C LYS A 166 10.90 -9.18 3.74
N THR A 167 10.66 -10.47 3.56
CA THR A 167 10.69 -11.45 4.64
C THR A 167 12.02 -11.47 5.38
N ILE A 168 11.96 -11.54 6.71
CA ILE A 168 13.13 -11.65 7.55
C ILE A 168 13.33 -13.09 8.01
N ILE A 169 14.51 -13.63 7.78
CA ILE A 169 14.83 -14.97 8.26
C ILE A 169 15.75 -14.93 9.47
N VAL A 170 15.28 -15.44 10.59
CA VAL A 170 16.11 -15.54 11.79
C VAL A 170 16.70 -16.92 11.86
N HIS A 171 18.03 -16.98 11.91
CA HIS A 171 18.72 -18.26 11.91
C HIS A 171 19.30 -18.54 13.30
N LEU A 172 18.76 -19.57 13.95
CA LEU A 172 19.10 -19.88 15.32
C LEU A 172 20.49 -20.49 15.42
N ASN A 173 21.13 -20.33 16.57
CA ASN A 173 22.43 -20.96 16.80
C ASN A 173 22.36 -22.09 17.83
N LYS A 174 21.15 -22.38 18.28
CA LYS A 174 20.86 -23.53 19.13
C LYS A 174 19.39 -23.86 18.92
N SER A 175 19.07 -25.15 18.88
CA SER A 175 17.72 -25.57 18.51
C SER A 175 16.84 -25.83 19.72
N VAL A 176 15.54 -25.92 19.45
CA VAL A 176 14.51 -26.13 20.45
C VAL A 176 13.54 -27.16 19.92
N GLU A 177 13.44 -28.32 20.56
CA GLU A 177 12.52 -29.35 20.09
C GLU A 177 11.08 -28.86 20.06
N ILE A 178 10.28 -29.44 19.17
CA ILE A 178 8.84 -29.21 19.15
C ILE A 178 8.11 -30.54 19.00
N ASN A 179 7.24 -30.83 19.94
CA ASN A 179 6.71 -32.17 20.10
C ASN A 179 5.21 -32.19 19.87
N CYS A 180 4.80 -32.69 18.71
CA CYS A 180 3.40 -32.64 18.29
C CYS A 180 2.76 -34.02 18.15
N THR A 181 1.65 -34.24 18.83
CA THR A 181 0.90 -35.50 18.69
C THR A 181 -0.62 -35.31 18.58
N ARG A 182 -1.24 -36.09 17.71
CA ARG A 182 -2.66 -36.37 17.76
C ARG A 182 -2.78 -37.67 18.55
N PRO A 183 -3.26 -37.59 19.80
CA PRO A 183 -3.28 -38.71 20.76
C PRO A 183 -3.93 -40.01 20.24
N SER A 184 -3.70 -41.10 20.97
CA SER A 184 -3.98 -42.46 20.51
C SER A 184 -5.40 -42.75 20.03
N ASN A 185 -6.36 -42.73 20.95
CA ASN A 185 -7.73 -43.15 20.63
C ASN A 185 -8.60 -42.12 19.90
N GLY A 186 -7.96 -41.05 19.39
CA GLY A 186 -8.65 -40.04 18.62
C GLY A 186 -9.78 -39.34 19.37
N GLY A 192 -14.96 -37.27 20.95
CA GLY A 192 -13.51 -37.26 20.92
C GLY A 192 -12.96 -36.85 19.56
N ASP A 193 -12.78 -35.55 19.39
CA ASP A 193 -12.29 -34.97 18.14
C ASP A 193 -11.01 -35.64 17.62
N ILE A 194 -11.14 -36.37 16.52
CA ILE A 194 -9.99 -37.06 15.94
C ILE A 194 -9.04 -36.09 15.26
N ARG A 195 -9.49 -34.84 15.10
CA ARG A 195 -8.68 -33.81 14.45
C ARG A 195 -7.94 -32.93 15.46
N LYS A 196 -8.23 -33.13 16.74
CA LYS A 196 -7.60 -32.34 17.80
C LYS A 196 -6.21 -32.85 18.12
N ALA A 197 -5.20 -31.98 17.97
CA ALA A 197 -3.83 -32.34 18.29
C ALA A 197 -3.18 -31.24 19.13
N TYR A 198 -1.93 -31.45 19.52
CA TYR A 198 -1.22 -30.43 20.30
C TYR A 198 0.30 -30.49 20.13
N CYS A 199 0.95 -29.34 20.27
CA CYS A 199 2.41 -29.23 20.18
C CYS A 199 3.03 -28.75 21.50
N GLU A 200 4.15 -29.36 21.87
CA GLU A 200 4.80 -29.09 23.17
C GLU A 200 6.23 -28.57 23.08
N ILE A 201 6.49 -27.40 23.66
CA ILE A 201 7.83 -26.81 23.66
C ILE A 201 8.29 -26.47 25.09
N ASN A 202 9.55 -26.74 25.39
CA ASN A 202 10.19 -26.33 26.65
C ASN A 202 10.28 -24.81 26.74
N GLY A 203 9.46 -24.22 27.61
CA GLY A 203 9.40 -22.77 27.74
C GLY A 203 10.67 -22.11 28.25
N THR A 204 11.39 -22.79 29.15
CA THR A 204 12.63 -22.22 29.68
C THR A 204 13.66 -22.03 28.58
N LYS A 205 13.79 -23.05 27.73
CA LYS A 205 14.73 -23.02 26.62
C LYS A 205 14.30 -22.02 25.55
N TRP A 206 13.01 -22.03 25.21
CA TRP A 206 12.46 -21.15 24.18
C TRP A 206 12.61 -19.67 24.50
N ASN A 207 12.20 -19.28 25.71
CA ASN A 207 12.20 -17.88 26.08
C ASN A 207 13.59 -17.26 26.19
N LYS A 208 14.59 -18.06 26.54
CA LYS A 208 15.97 -17.58 26.51
C LYS A 208 16.41 -17.30 25.07
N VAL A 209 16.14 -18.25 24.17
CA VAL A 209 16.46 -18.08 22.76
C VAL A 209 15.71 -16.90 22.18
N LEU A 210 14.43 -16.79 22.55
CA LEU A 210 13.56 -15.72 22.06
C LEU A 210 14.10 -14.35 22.47
N LYS A 211 14.56 -14.23 23.72
CA LYS A 211 15.17 -12.99 24.20
C LYS A 211 16.45 -12.63 23.43
N GLN A 212 17.29 -13.63 23.17
CA GLN A 212 18.50 -13.41 22.38
C GLN A 212 18.21 -12.89 20.97
N VAL A 213 17.14 -13.39 20.35
CA VAL A 213 16.77 -12.91 19.02
C VAL A 213 16.41 -11.42 19.06
N THR A 214 15.68 -11.02 20.11
CA THR A 214 15.34 -9.61 20.30
C THR A 214 16.56 -8.73 20.48
N GLU A 215 17.64 -9.30 21.01
CA GLU A 215 18.88 -8.57 21.19
C GLU A 215 19.55 -8.33 19.83
N LYS A 216 19.51 -9.34 18.96
CA LYS A 216 20.14 -9.21 17.65
C LYS A 216 19.34 -8.28 16.74
N LEU A 217 18.03 -8.25 16.94
CA LEU A 217 17.15 -7.37 16.18
C LEU A 217 17.35 -5.91 16.59
N LYS A 218 17.79 -5.71 17.83
CA LYS A 218 18.11 -4.39 18.33
C LYS A 218 19.33 -3.81 17.61
N GLU A 219 20.20 -4.69 17.13
CA GLU A 219 21.41 -4.27 16.41
C GLU A 219 21.08 -3.67 15.06
N HIS A 220 20.10 -4.26 14.38
CA HIS A 220 19.68 -3.77 13.07
C HIS A 220 18.64 -2.65 13.16
N PHE A 221 18.14 -2.39 14.37
CA PHE A 221 17.10 -1.38 14.52
C PHE A 221 17.35 -0.40 15.67
N ASN A 222 18.54 0.19 15.67
CA ASN A 222 18.88 1.30 16.56
C ASN A 222 18.36 1.23 18.00
N ASN A 223 18.61 0.09 18.66
CA ASN A 223 18.25 -0.11 20.06
C ASN A 223 16.80 0.21 20.40
N LYS A 224 15.91 0.09 19.43
CA LYS A 224 14.48 0.27 19.67
C LYS A 224 13.92 -0.94 20.39
N THR A 225 12.76 -0.78 20.99
CA THR A 225 12.11 -1.88 21.68
C THR A 225 11.56 -2.88 20.66
N ILE A 226 11.66 -4.16 20.99
CA ILE A 226 11.25 -5.21 20.08
C ILE A 226 10.02 -5.93 20.61
N ILE A 227 8.95 -5.93 19.84
CA ILE A 227 7.70 -6.54 20.25
C ILE A 227 7.19 -7.52 19.21
N PHE A 228 6.78 -8.69 19.67
CA PHE A 228 6.18 -9.69 18.79
C PHE A 228 4.67 -9.60 18.90
N GLN A 229 3.99 -9.88 17.79
CA GLN A 229 2.54 -9.83 17.73
C GLN A 229 2.06 -10.95 16.83
N PRO A 230 0.79 -11.35 16.99
CA PRO A 230 0.18 -12.37 16.13
C PRO A 230 0.09 -11.95 14.65
N PRO A 231 -0.03 -12.93 13.75
CA PRO A 231 -0.30 -12.61 12.34
C PRO A 231 -1.54 -11.73 12.21
N SER A 232 -1.48 -10.74 11.31
CA SER A 232 -2.53 -9.77 11.11
C SER A 232 -3.75 -10.27 10.31
N GLY A 233 -3.60 -11.43 9.67
CA GLY A 233 -4.63 -11.96 8.79
C GLY A 233 -4.04 -12.85 7.72
N GLY A 234 -4.87 -13.21 6.73
CA GLY A 234 -4.41 -14.03 5.61
C GLY A 234 -4.91 -15.46 5.72
N ASP A 235 -4.55 -16.29 4.74
CA ASP A 235 -4.97 -17.69 4.73
C ASP A 235 -4.51 -18.40 6.00
N LEU A 236 -5.30 -19.38 6.43
CA LEU A 236 -5.00 -20.17 7.61
C LEU A 236 -3.62 -20.84 7.59
N GLU A 237 -3.11 -21.08 6.39
CA GLU A 237 -1.80 -21.70 6.26
C GLU A 237 -0.70 -20.79 6.79
N ILE A 238 -0.98 -19.50 6.94
CA ILE A 238 0.03 -18.56 7.43
C ILE A 238 -0.28 -17.96 8.80
N THR A 239 -1.56 -17.90 9.17
CA THR A 239 -1.92 -17.45 10.50
C THR A 239 -1.56 -18.53 11.53
N MET A 240 -1.63 -19.79 11.11
CA MET A 240 -1.27 -20.93 11.94
C MET A 240 0.16 -21.37 11.60
N HIS A 241 0.70 -22.34 12.34
CA HIS A 241 1.99 -22.95 12.00
C HIS A 241 1.74 -24.22 11.20
N HIS A 242 1.68 -24.08 9.88
CA HIS A 242 1.27 -25.14 8.98
C HIS A 242 2.46 -26.05 8.62
N PHE A 243 2.23 -27.36 8.66
CA PHE A 243 3.25 -28.36 8.30
C PHE A 243 2.62 -29.73 8.07
N ASN A 244 3.36 -30.63 7.44
CA ASN A 244 2.90 -32.00 7.25
C ASN A 244 3.63 -32.98 8.16
N CYS A 245 2.87 -33.83 8.84
CA CYS A 245 3.46 -34.87 9.67
C CYS A 245 2.84 -36.21 9.32
N ARG A 246 3.67 -37.16 8.91
CA ARG A 246 3.21 -38.50 8.54
C ARG A 246 2.12 -38.49 7.46
N GLY A 247 2.10 -37.45 6.62
CA GLY A 247 1.09 -37.34 5.59
C GLY A 247 -0.14 -36.53 5.97
N GLU A 248 -0.26 -36.16 7.24
CA GLU A 248 -1.41 -35.39 7.70
C GLU A 248 -1.11 -33.90 7.80
N PHE A 249 -2.11 -33.06 7.57
CA PHE A 249 -1.91 -31.61 7.52
C PHE A 249 -2.24 -30.90 8.83
N PHE A 250 -1.18 -30.52 9.54
CA PHE A 250 -1.32 -29.88 10.84
C PHE A 250 -1.36 -28.36 10.76
N TYR A 251 -2.15 -27.77 11.63
CA TYR A 251 -2.17 -26.33 11.80
C TYR A 251 -2.10 -26.03 13.30
N CYS A 252 -1.14 -25.22 13.72
CA CYS A 252 -0.96 -24.95 15.14
C CYS A 252 -0.97 -23.46 15.49
N ASN A 253 -1.60 -23.12 16.62
CA ASN A 253 -1.64 -21.75 17.12
C ASN A 253 -0.38 -21.41 17.91
N THR A 254 0.36 -20.39 17.47
CA THR A 254 1.60 -20.04 18.15
C THR A 254 1.54 -18.70 18.85
N THR A 255 0.34 -18.33 19.30
CA THR A 255 0.17 -17.10 20.08
C THR A 255 1.05 -17.19 21.32
N GLN A 256 1.03 -18.35 21.97
CA GLN A 256 1.78 -18.59 23.19
C GLN A 256 3.28 -18.68 22.94
N LEU A 257 3.67 -18.79 21.68
CA LEU A 257 5.07 -18.95 21.34
C LEU A 257 5.76 -17.60 21.28
N PHE A 258 4.96 -16.55 21.11
CA PHE A 258 5.49 -15.19 21.03
C PHE A 258 4.85 -14.32 22.11
N ASN A 259 5.15 -14.63 23.37
CA ASN A 259 4.58 -13.93 24.51
C ASN A 259 5.56 -12.91 25.09
N ASN A 260 5.32 -11.64 24.83
CA ASN A 260 6.22 -10.58 25.25
C ASN A 260 6.40 -10.45 26.76
N THR A 261 5.42 -10.92 27.53
CA THR A 261 5.52 -10.87 28.97
C THR A 261 6.58 -11.87 29.45
N CYS A 262 6.68 -12.99 28.74
CA CYS A 262 7.64 -14.03 29.09
C CYS A 262 9.08 -13.71 28.65
N ILE A 263 9.29 -12.53 28.08
CA ILE A 263 10.63 -12.15 27.64
C ILE A 263 11.23 -11.08 28.56
N LYS A 269 7.22 -13.98 35.64
CA LYS A 269 6.31 -14.80 36.42
C LYS A 269 6.46 -16.29 36.11
N GLY A 270 5.36 -16.92 35.68
CA GLY A 270 5.35 -18.34 35.38
C GLY A 270 5.53 -18.62 33.90
N CYS A 271 6.72 -18.37 33.39
CA CYS A 271 7.01 -18.54 31.96
C CYS A 271 7.97 -19.69 31.70
N ASN A 272 8.22 -20.52 32.72
CA ASN A 272 9.19 -21.58 32.60
C ASN A 272 8.59 -22.96 32.32
N GLY A 273 7.28 -23.07 32.49
CA GLY A 273 6.60 -24.34 32.30
C GLY A 273 6.58 -24.81 30.86
N THR A 274 6.18 -26.07 30.66
CA THR A 274 6.02 -26.59 29.31
C THR A 274 4.88 -25.88 28.61
N ILE A 275 5.20 -25.22 27.48
CA ILE A 275 4.21 -24.59 26.63
C ILE A 275 3.49 -25.63 25.77
N THR A 276 2.15 -25.61 25.80
CA THR A 276 1.36 -26.51 24.97
C THR A 276 0.57 -25.72 23.94
N LEU A 277 0.80 -26.02 22.66
CA LEU A 277 0.09 -25.35 21.58
C LEU A 277 -1.04 -26.20 21.05
N PRO A 278 -2.27 -25.65 20.99
CA PRO A 278 -3.44 -26.34 20.45
C PRO A 278 -3.35 -26.48 18.93
N CYS A 279 -3.55 -27.69 18.42
CA CYS A 279 -3.45 -27.94 16.98
C CYS A 279 -4.68 -28.61 16.41
N LYS A 280 -4.80 -28.56 15.08
CA LYS A 280 -5.84 -29.33 14.38
C LYS A 280 -5.38 -29.89 13.03
N ILE A 281 -5.85 -31.09 12.73
CA ILE A 281 -5.60 -31.71 11.44
C ILE A 281 -6.76 -31.40 10.47
N LYS A 282 -6.43 -30.79 9.33
CA LYS A 282 -7.46 -30.38 8.39
C LYS A 282 -7.47 -31.21 7.11
N GLN A 283 -8.66 -31.57 6.64
CA GLN A 283 -8.79 -32.32 5.39
C GLN A 283 -8.82 -31.38 4.19
N ILE A 284 -9.34 -30.18 4.40
CA ILE A 284 -9.46 -29.20 3.32
C ILE A 284 -8.42 -28.10 3.47
N ILE A 285 -7.61 -27.92 2.44
CA ILE A 285 -6.45 -27.02 2.53
C ILE A 285 -6.25 -26.18 1.28
N ASN A 286 -5.36 -25.20 1.39
CA ASN A 286 -4.89 -24.47 0.22
C ASN A 286 -3.48 -24.94 -0.08
N MET A 287 -3.28 -25.47 -1.28
CA MET A 287 -2.01 -26.06 -1.65
C MET A 287 -0.87 -25.04 -1.73
N TRP A 288 0.26 -25.35 -1.11
CA TRP A 288 1.41 -24.44 -1.08
C TRP A 288 1.97 -24.20 -2.48
N GLN A 289 1.67 -25.10 -3.40
CA GLN A 289 2.09 -24.96 -4.80
C GLN A 289 1.43 -23.75 -5.42
N GLY A 290 0.38 -23.25 -4.77
CA GLY A 290 -0.31 -22.03 -5.16
C GLY A 290 -1.47 -22.28 -6.09
N THR A 291 -1.96 -23.51 -6.12
CA THR A 291 -2.98 -23.89 -7.09
C THR A 291 -4.35 -24.20 -6.46
N GLY A 292 -4.77 -23.37 -5.50
CA GLY A 292 -6.10 -23.48 -4.93
C GLY A 292 -6.37 -24.69 -4.05
N GLN A 293 -7.62 -24.85 -3.64
CA GLN A 293 -8.01 -25.82 -2.62
C GLN A 293 -7.92 -27.30 -3.04
N ALA A 294 -7.62 -28.14 -2.06
CA ALA A 294 -7.63 -29.60 -2.24
C ALA A 294 -8.38 -30.24 -1.08
N MET A 295 -8.70 -31.53 -1.20
CA MET A 295 -9.45 -32.23 -0.16
C MET A 295 -8.90 -33.63 0.10
N TYR A 296 -8.59 -33.91 1.35
CA TYR A 296 -7.99 -35.20 1.71
C TYR A 296 -8.90 -36.03 2.62
N ALA A 297 -8.55 -37.31 2.79
CA ALA A 297 -9.34 -38.20 3.64
C ALA A 297 -9.09 -37.90 5.12
N PRO A 298 -10.04 -38.30 5.99
CA PRO A 298 -9.82 -38.21 7.44
C PRO A 298 -8.50 -38.85 7.87
N PRO A 299 -7.95 -38.41 9.01
CA PRO A 299 -6.64 -38.89 9.50
C PRO A 299 -6.60 -40.38 9.87
N ILE A 300 -5.41 -40.97 9.78
CA ILE A 300 -5.23 -42.37 10.12
C ILE A 300 -5.44 -42.65 11.60
N ASP A 301 -5.57 -43.92 11.95
CA ASP A 301 -5.81 -44.31 13.33
C ASP A 301 -4.50 -44.43 14.11
N GLY A 302 -4.61 -44.36 15.44
CA GLY A 302 -3.45 -44.51 16.30
C GLY A 302 -2.80 -43.18 16.63
N LYS A 303 -1.67 -43.26 17.32
CA LYS A 303 -0.92 -42.07 17.74
C LYS A 303 -0.19 -41.50 16.53
N ILE A 304 -0.23 -40.19 16.36
CA ILE A 304 0.50 -39.54 15.26
C ILE A 304 1.47 -38.51 15.83
N ASN A 305 2.76 -38.85 15.84
CA ASN A 305 3.75 -38.03 16.55
C ASN A 305 4.89 -37.50 15.67
N CYS A 306 5.17 -36.21 15.83
CA CYS A 306 6.30 -35.56 15.16
C CYS A 306 7.18 -34.77 16.12
N VAL A 307 8.41 -35.22 16.30
CA VAL A 307 9.39 -34.47 17.06
C VAL A 307 10.36 -33.77 16.12
N SER A 308 10.36 -32.45 16.15
CA SER A 308 11.19 -31.66 15.25
C SER A 308 12.07 -30.65 15.99
N ASN A 309 13.11 -30.17 15.31
CA ASN A 309 13.90 -29.06 15.82
C ASN A 309 13.48 -27.78 15.15
N ILE A 310 13.15 -26.77 15.93
CA ILE A 310 13.05 -25.43 15.38
C ILE A 310 14.47 -24.92 15.21
N THR A 311 14.81 -24.46 14.01
CA THR A 311 16.16 -24.01 13.73
C THR A 311 16.14 -22.60 13.14
N GLY A 312 14.94 -22.11 12.84
CA GLY A 312 14.80 -20.80 12.27
C GLY A 312 13.37 -20.30 12.33
N ILE A 313 13.22 -18.97 12.24
CA ILE A 313 11.92 -18.35 12.29
C ILE A 313 11.80 -17.41 11.10
N LEU A 314 10.60 -17.32 10.53
CA LEU A 314 10.30 -16.34 9.49
C LEU A 314 9.42 -15.23 10.08
N LEU A 315 9.87 -13.99 9.98
CA LEU A 315 9.12 -12.86 10.54
C LEU A 315 8.82 -11.78 9.50
N THR A 316 7.84 -10.93 9.79
CA THR A 316 7.46 -9.80 8.95
C THR A 316 7.28 -8.57 9.85
N ARG A 317 7.94 -7.47 9.49
CA ARG A 317 7.90 -6.25 10.29
C ARG A 317 6.80 -5.28 9.85
N ASP A 318 6.04 -4.75 10.81
CA ASP A 318 4.99 -3.76 10.52
C ASP A 318 5.58 -2.49 9.93
N GLY A 319 5.04 -2.07 8.78
CA GLY A 319 5.53 -0.88 8.12
C GLY A 319 5.08 0.39 8.82
N GLY A 320 5.27 1.52 8.14
CA GLY A 320 4.77 2.79 8.63
C GLY A 320 5.64 3.42 9.69
N GLU A 321 5.39 4.70 9.96
CA GLU A 321 6.11 5.44 10.99
C GLU A 321 5.76 4.94 12.38
N ASN A 322 6.74 4.38 13.07
CA ASN A 322 6.54 3.91 14.43
C ASN A 322 7.49 4.60 15.40
N ASN A 323 8.75 4.75 14.98
CA ASN A 323 9.78 5.47 15.74
C ASN A 323 10.12 4.86 17.11
N SER A 324 9.13 4.83 18.00
CA SER A 324 9.31 4.26 19.33
C SER A 324 9.66 2.77 19.30
N THR A 325 8.91 2.00 18.51
CA THR A 325 8.99 0.55 18.55
C THR A 325 9.02 -0.07 17.15
N GLU A 326 9.41 -1.34 17.07
CA GLU A 326 9.26 -2.13 15.85
C GLU A 326 8.43 -3.35 16.19
N ILE A 327 7.54 -3.75 15.28
CA ILE A 327 6.65 -4.86 15.54
C ILE A 327 6.88 -6.01 14.56
N PHE A 328 6.95 -7.23 15.08
CA PHE A 328 7.28 -8.38 14.26
C PHE A 328 6.25 -9.49 14.43
N ARG A 329 5.64 -9.88 13.32
CA ARG A 329 4.70 -11.00 13.32
C ARG A 329 5.26 -12.15 12.48
N PRO A 330 4.91 -13.39 12.86
CA PRO A 330 5.39 -14.55 12.11
C PRO A 330 4.84 -14.54 10.68
N GLY A 331 5.49 -15.25 9.77
CA GLY A 331 5.13 -15.21 8.37
C GLY A 331 5.47 -16.47 7.62
N GLY A 332 5.40 -16.38 6.29
CA GLY A 332 5.72 -17.52 5.44
C GLY A 332 4.94 -17.48 4.15
N GLY A 333 4.55 -18.65 3.66
CA GLY A 333 3.81 -18.75 2.42
C GLY A 333 4.71 -19.06 1.25
N ASN A 334 5.82 -18.34 1.15
CA ASN A 334 6.78 -18.61 0.09
C ASN A 334 7.78 -19.66 0.52
N ILE A 335 7.59 -20.87 0.01
CA ILE A 335 8.35 -22.04 0.46
C ILE A 335 9.75 -22.02 -0.15
N LYS A 336 9.96 -21.16 -1.14
CA LYS A 336 11.30 -20.98 -1.69
C LYS A 336 12.22 -20.44 -0.62
N ASP A 337 11.63 -19.69 0.33
CA ASP A 337 12.39 -19.10 1.42
C ASP A 337 12.91 -20.16 2.39
N ASN A 338 12.23 -21.30 2.46
CA ASN A 338 12.71 -22.43 3.24
C ASN A 338 13.99 -22.99 2.62
N TRP A 339 13.99 -23.08 1.29
CA TRP A 339 15.16 -23.56 0.57
C TRP A 339 16.30 -22.54 0.60
N ARG A 340 15.96 -21.26 0.61
CA ARG A 340 16.96 -20.21 0.72
C ARG A 340 17.70 -20.28 2.06
N SER A 341 17.03 -20.75 3.10
CA SER A 341 17.63 -20.78 4.42
C SER A 341 18.75 -21.82 4.52
N GLU A 342 18.78 -22.75 3.58
CA GLU A 342 19.82 -23.78 3.59
C GLU A 342 20.88 -23.58 2.50
N LEU A 343 20.48 -22.99 1.39
CA LEU A 343 21.38 -22.76 0.26
C LEU A 343 22.00 -21.37 0.25
N TYR A 344 21.86 -20.62 1.34
CA TYR A 344 22.32 -19.24 1.37
C TYR A 344 23.81 -19.14 1.09
N LYS A 345 24.55 -20.16 1.52
CA LYS A 345 26.02 -20.19 1.43
C LYS A 345 26.56 -20.77 0.12
N TYR A 346 25.68 -21.29 -0.74
CA TYR A 346 26.14 -21.93 -1.97
C TYR A 346 25.92 -21.08 -3.22
N LYS A 347 26.78 -21.29 -4.21
CA LYS A 347 26.76 -20.51 -5.44
C LYS A 347 27.43 -21.30 -6.57
N VAL A 348 26.77 -21.36 -7.73
CA VAL A 348 27.31 -22.07 -8.89
C VAL A 348 28.16 -21.15 -9.75
N VAL A 349 29.33 -21.63 -10.17
CA VAL A 349 30.18 -20.93 -11.13
C VAL A 349 30.67 -21.85 -12.24
N GLN A 350 30.96 -21.28 -13.41
CA GLN A 350 31.45 -22.06 -14.55
C GLN A 350 32.95 -21.82 -14.74
N ILE A 351 33.70 -22.88 -15.01
CA ILE A 351 35.15 -22.75 -15.15
C ILE A 351 35.53 -22.20 -16.52
N GLU A 352 35.96 -20.94 -16.55
CA GLU A 352 36.34 -20.28 -17.79
C GLU A 352 37.73 -20.72 -18.24
N GLN B 1 -6.40 -5.50 -20.08
CA GLN B 1 -5.27 -4.59 -20.03
C GLN B 1 -5.08 -4.01 -18.63
N VAL B 2 -4.34 -4.75 -17.79
CA VAL B 2 -4.12 -4.40 -16.39
C VAL B 2 -5.44 -4.11 -15.66
N GLN B 3 -5.82 -2.83 -15.61
CA GLN B 3 -7.12 -2.40 -15.11
C GLN B 3 -7.32 -2.56 -13.58
N LEU B 4 -7.58 -1.44 -12.91
CA LEU B 4 -8.03 -1.44 -11.52
C LEU B 4 -9.30 -0.60 -11.39
N LEU B 5 -10.42 -1.22 -11.05
CA LEU B 5 -11.70 -0.52 -10.97
C LEU B 5 -12.25 -0.45 -9.54
N GLN B 6 -12.46 0.75 -9.03
CA GLN B 6 -12.93 0.94 -7.66
C GLN B 6 -14.42 1.28 -7.59
N SER B 7 -15.04 0.97 -6.46
CA SER B 7 -16.49 1.13 -6.29
C SER B 7 -16.93 2.58 -6.13
N GLY B 8 -18.24 2.77 -5.99
CA GLY B 8 -18.82 4.10 -5.89
C GLY B 8 -18.62 4.76 -4.54
N ALA B 9 -18.93 6.06 -4.48
CA ALA B 9 -18.71 6.86 -3.28
C ALA B 9 -19.46 6.33 -2.07
N ALA B 10 -18.91 6.56 -0.89
CA ALA B 10 -19.52 6.12 0.36
C ALA B 10 -19.80 7.29 1.30
N VAL B 11 -20.88 7.15 2.07
CA VAL B 11 -21.25 8.13 3.09
C VAL B 11 -21.74 7.38 4.32
N THR B 12 -21.21 7.72 5.49
CA THR B 12 -21.64 7.06 6.72
C THR B 12 -21.53 7.93 7.96
N LYS B 13 -22.19 7.50 9.03
CA LYS B 13 -22.08 8.16 10.32
C LYS B 13 -20.80 7.66 10.99
N PRO B 14 -20.25 8.45 11.93
CA PRO B 14 -19.06 8.03 12.68
C PRO B 14 -19.30 6.76 13.48
N GLY B 15 -18.22 6.05 13.81
CA GLY B 15 -18.32 4.84 14.60
C GLY B 15 -18.82 3.65 13.81
N ALA B 16 -19.30 3.90 12.59
CA ALA B 16 -19.78 2.85 11.72
C ALA B 16 -18.65 2.22 10.91
N SER B 17 -19.02 1.45 9.90
CA SER B 17 -18.05 0.73 9.08
C SER B 17 -18.31 0.95 7.60
N VAL B 18 -17.27 0.77 6.78
CA VAL B 18 -17.40 0.93 5.34
C VAL B 18 -16.49 -0.07 4.61
N ARG B 19 -16.93 -0.54 3.44
CA ARG B 19 -16.12 -1.41 2.61
C ARG B 19 -15.97 -0.87 1.18
N VAL B 20 -14.72 -0.70 0.76
CA VAL B 20 -14.40 -0.23 -0.58
C VAL B 20 -13.80 -1.40 -1.34
N SER B 21 -14.13 -1.51 -2.63
CA SER B 21 -13.65 -2.63 -3.44
C SER B 21 -12.73 -2.18 -4.58
N CYS B 22 -11.86 -3.10 -5.02
CA CYS B 22 -10.91 -2.87 -6.09
C CYS B 22 -10.80 -4.15 -6.90
N GLU B 23 -11.18 -4.10 -8.17
CA GLU B 23 -11.15 -5.29 -9.01
C GLU B 23 -10.09 -5.20 -10.10
N ALA B 24 -9.12 -6.11 -10.05
CA ALA B 24 -8.01 -6.17 -11.00
C ALA B 24 -8.25 -7.24 -12.05
N SER B 25 -7.74 -7.02 -13.26
CA SER B 25 -7.93 -7.99 -14.33
C SER B 25 -6.71 -8.31 -15.21
N GLY B 26 -6.47 -7.48 -16.23
CA GLY B 26 -5.62 -7.87 -17.35
C GLY B 26 -4.12 -8.07 -17.15
N TYR B 27 -3.74 -8.86 -16.14
CA TYR B 27 -2.34 -9.17 -15.89
C TYR B 27 -2.19 -10.35 -14.94
N ASN B 28 -0.95 -10.80 -14.75
CA ASN B 28 -0.68 -11.89 -13.81
C ASN B 28 -0.67 -11.39 -12.37
N ILE B 29 -1.82 -11.53 -11.70
CA ILE B 29 -2.11 -10.80 -10.46
C ILE B 29 -1.40 -11.34 -9.22
N ARG B 30 -1.26 -12.65 -9.12
CA ARG B 30 -0.53 -13.28 -8.02
C ARG B 30 0.91 -12.79 -7.90
N ASP B 31 1.42 -12.15 -8.95
CA ASP B 31 2.83 -11.77 -8.98
C ASP B 31 3.10 -10.35 -8.46
N TYR B 32 2.06 -9.64 -8.01
CA TYR B 32 2.26 -8.27 -7.55
C TYR B 32 1.49 -7.92 -6.28
N PHE B 33 2.14 -7.18 -5.39
CA PHE B 33 1.50 -6.72 -4.16
C PHE B 33 0.55 -5.58 -4.48
N ILE B 34 -0.56 -5.53 -3.76
CA ILE B 34 -1.49 -4.42 -3.90
C ILE B 34 -1.46 -3.56 -2.63
N HIS B 35 -1.19 -2.28 -2.79
CA HIS B 35 -1.21 -1.34 -1.67
C HIS B 35 -2.46 -0.47 -1.69
N TRP B 36 -2.88 -0.04 -0.51
CA TRP B 36 -3.94 0.96 -0.39
C TRP B 36 -3.40 2.28 0.14
N TRP B 37 -3.86 3.39 -0.45
CA TRP B 37 -3.51 4.71 0.01
C TRP B 37 -4.76 5.56 0.20
N ARG B 38 -4.63 6.64 0.95
CA ARG B 38 -5.74 7.58 1.08
C ARG B 38 -5.26 9.02 1.04
N GLN B 39 -6.13 9.92 0.64
CA GLN B 39 -5.76 11.33 0.55
C GLN B 39 -6.86 12.25 1.11
N ALA B 40 -6.59 12.81 2.28
CA ALA B 40 -7.51 13.78 2.89
C ALA B 40 -7.46 15.09 2.10
N PRO B 41 -8.58 15.84 2.09
CA PRO B 41 -8.69 17.11 1.36
C PRO B 41 -7.58 18.09 1.68
N GLY B 42 -6.83 18.50 0.65
CA GLY B 42 -5.78 19.48 0.82
C GLY B 42 -4.50 18.91 1.41
N GLN B 43 -4.54 17.62 1.75
CA GLN B 43 -3.39 16.94 2.33
C GLN B 43 -2.73 16.02 1.32
N GLY B 44 -1.56 15.49 1.68
CA GLY B 44 -0.85 14.56 0.84
C GLY B 44 -1.35 13.13 1.05
N LEU B 45 -0.73 12.19 0.35
CA LEU B 45 -1.09 10.78 0.46
C LEU B 45 -0.70 10.22 1.81
N GLN B 46 -1.20 9.02 2.12
CA GLN B 46 -0.92 8.38 3.39
C GLN B 46 -1.10 6.88 3.27
N TRP B 47 -0.07 6.14 3.68
CA TRP B 47 -0.01 4.70 3.48
C TRP B 47 -0.94 3.92 4.42
N VAL B 48 -1.82 3.12 3.82
CA VAL B 48 -2.82 2.36 4.56
C VAL B 48 -2.37 0.91 4.77
N GLY B 49 -1.66 0.36 3.80
CA GLY B 49 -1.13 -0.99 3.91
C GLY B 49 -0.94 -1.74 2.62
N TRP B 50 -0.36 -2.94 2.69
CA TRP B 50 -0.31 -3.87 1.56
C TRP B 50 -0.90 -5.23 1.87
N ILE B 51 -1.25 -5.95 0.81
CA ILE B 51 -1.77 -7.30 0.94
C ILE B 51 -1.21 -8.21 -0.15
N ASN B 52 -0.68 -9.36 0.27
CA ASN B 52 -0.14 -10.35 -0.64
C ASN B 52 -1.28 -11.20 -1.19
N PRO B 53 -1.53 -11.10 -2.50
CA PRO B 53 -2.66 -11.79 -3.12
C PRO B 53 -2.55 -13.31 -3.04
N LYS B 54 -1.33 -13.83 -2.95
CA LYS B 54 -1.14 -15.29 -2.91
C LYS B 54 -1.62 -15.88 -1.60
N THR B 55 -1.39 -15.16 -0.51
CA THR B 55 -1.61 -15.68 0.84
C THR B 55 -2.67 -14.90 1.61
N GLY B 56 -2.93 -13.67 1.17
CA GLY B 56 -3.91 -12.84 1.84
C GLY B 56 -3.29 -12.05 2.98
N GLN B 57 -1.98 -12.18 3.14
CA GLN B 57 -1.27 -11.52 4.23
C GLN B 57 -1.38 -9.99 4.14
N PRO B 58 -1.77 -9.36 5.25
CA PRO B 58 -1.85 -7.89 5.28
C PRO B 58 -0.72 -7.28 6.09
N ASN B 59 -0.38 -6.03 5.78
CA ASN B 59 0.58 -5.27 6.55
C ASN B 59 0.03 -3.87 6.66
N ASN B 60 -0.22 -3.40 7.88
CA ASN B 60 -0.77 -2.08 8.12
C ASN B 60 0.03 -1.34 9.18
N PRO B 61 0.14 -0.01 9.07
CA PRO B 61 0.88 0.77 10.08
C PRO B 61 0.16 0.82 11.42
N ARG B 62 0.76 1.49 12.40
CA ARG B 62 0.26 1.53 13.77
C ARG B 62 -1.16 2.08 13.89
N GLN B 63 -1.45 3.19 13.21
CA GLN B 63 -2.73 3.86 13.39
C GLN B 63 -3.93 3.06 12.90
N PHE B 64 -3.83 2.48 11.70
CA PHE B 64 -4.93 1.68 11.16
C PHE B 64 -4.93 0.27 11.72
N GLN B 65 -3.92 -0.07 12.52
CA GLN B 65 -3.93 -1.35 13.22
C GLN B 65 -5.11 -1.36 14.19
N GLY B 66 -5.78 -2.51 14.29
CA GLY B 66 -6.95 -2.63 15.15
C GLY B 66 -8.20 -2.45 14.32
N ARG B 67 -8.31 -1.29 13.67
CA ARG B 67 -9.30 -1.06 12.63
C ARG B 67 -8.71 -1.67 11.36
N VAL B 68 -9.32 -1.39 10.22
CA VAL B 68 -8.82 -1.86 8.91
C VAL B 68 -8.62 -3.37 8.73
N SER B 69 -9.11 -3.89 7.62
CA SER B 69 -8.99 -5.30 7.31
C SER B 69 -8.88 -5.47 5.81
N LEU B 70 -7.72 -5.91 5.36
CA LEU B 70 -7.50 -6.10 3.93
C LEU B 70 -7.78 -7.55 3.57
N THR B 71 -8.51 -7.74 2.48
CA THR B 71 -8.96 -9.07 2.08
C THR B 71 -8.86 -9.17 0.55
N ARG B 72 -8.94 -10.40 0.05
CA ARG B 72 -8.95 -10.63 -1.38
C ARG B 72 -9.67 -11.94 -1.67
N HIS B 73 -10.29 -12.03 -2.84
CA HIS B 73 -10.75 -13.33 -3.34
C HIS B 73 -10.63 -13.36 -4.86
N ALA B 74 -10.40 -14.57 -5.39
CA ALA B 74 -10.17 -14.72 -6.82
C ALA B 74 -11.27 -15.47 -7.55
N SER B 75 -11.32 -15.29 -8.86
CA SER B 75 -12.27 -15.99 -9.70
C SER B 75 -11.82 -17.43 -9.90
N TRP B 76 -12.65 -18.21 -10.60
CA TRP B 76 -12.37 -19.61 -10.85
C TRP B 76 -11.07 -19.80 -11.63
N ASP B 77 -10.90 -19.01 -12.67
CA ASP B 77 -9.75 -19.14 -13.56
C ASP B 77 -8.54 -18.36 -13.07
N PHE B 78 -8.68 -17.75 -11.89
CA PHE B 78 -7.66 -16.87 -11.32
C PHE B 78 -7.29 -15.73 -12.27
N ASP B 79 -8.26 -15.36 -13.11
CA ASP B 79 -8.08 -14.35 -14.15
C ASP B 79 -8.52 -12.97 -13.69
N THR B 80 -9.22 -12.92 -12.56
CA THR B 80 -9.76 -11.67 -12.01
C THR B 80 -9.77 -11.75 -10.49
N TYR B 81 -9.44 -10.64 -9.83
CA TYR B 81 -9.38 -10.61 -8.37
C TYR B 81 -10.17 -9.44 -7.80
N SER B 82 -10.61 -9.57 -6.56
CA SER B 82 -11.27 -8.46 -5.88
C SER B 82 -10.59 -8.19 -4.56
N PHE B 83 -10.21 -6.94 -4.34
CA PHE B 83 -9.47 -6.55 -3.14
C PHE B 83 -10.28 -5.60 -2.26
N TYR B 84 -10.63 -6.03 -1.06
CA TYR B 84 -11.45 -5.20 -0.18
C TYR B 84 -10.66 -4.53 0.94
N MET B 85 -11.14 -3.37 1.37
CA MET B 85 -10.61 -2.69 2.55
C MET B 85 -11.74 -2.31 3.52
N ASP B 86 -11.83 -3.04 4.64
CA ASP B 86 -12.85 -2.77 5.64
C ASP B 86 -12.36 -1.91 6.80
N LEU B 87 -12.60 -0.60 6.72
CA LEU B 87 -12.23 0.31 7.82
C LEU B 87 -13.33 0.40 8.90
N LYS B 88 -12.97 0.01 10.12
CA LYS B 88 -13.89 -0.02 11.27
C LYS B 88 -13.94 1.29 12.04
N ALA B 89 -14.94 1.38 12.92
CA ALA B 89 -15.06 2.47 13.91
C ALA B 89 -14.71 3.85 13.38
N LEU B 90 -15.29 4.20 12.23
CA LEU B 90 -14.94 5.43 11.51
C LEU B 90 -14.94 6.69 12.36
N ARG B 91 -13.95 7.54 12.10
CA ARG B 91 -13.81 8.81 12.79
C ARG B 91 -14.02 9.86 11.74
N SER B 92 -14.42 11.06 12.12
CA SER B 92 -14.70 12.11 11.14
C SER B 92 -13.50 12.35 10.23
N ASP B 93 -12.32 12.44 10.81
CA ASP B 93 -11.10 12.64 10.03
C ASP B 93 -10.61 11.36 9.36
N ASP B 94 -11.55 10.55 8.88
CA ASP B 94 -11.23 9.42 8.00
C ASP B 94 -11.72 9.75 6.61
N THR B 95 -12.39 10.88 6.49
CA THR B 95 -12.84 11.38 5.19
C THR B 95 -11.67 11.60 4.24
N ALA B 96 -11.55 10.75 3.24
CA ALA B 96 -10.47 10.82 2.28
C ALA B 96 -10.79 10.02 1.03
N VAL B 97 -10.06 10.28 -0.05
CA VAL B 97 -10.18 9.48 -1.26
C VAL B 97 -9.29 8.27 -1.07
N TYR B 98 -9.88 7.08 -1.14
CA TYR B 98 -9.11 5.85 -0.96
C TYR B 98 -8.66 5.23 -2.28
N PHE B 99 -7.35 5.10 -2.44
CA PHE B 99 -6.76 4.56 -3.66
C PHE B 99 -6.26 3.14 -3.47
N CYS B 100 -6.26 2.36 -4.54
CA CYS B 100 -5.55 1.09 -4.57
C CYS B 100 -4.59 1.12 -5.76
N ALA B 101 -3.39 0.59 -5.55
CA ALA B 101 -2.37 0.61 -6.60
C ALA B 101 -1.53 -0.66 -6.62
N ARG B 102 -0.86 -0.89 -7.75
CA ARG B 102 0.01 -2.05 -7.89
C ARG B 102 1.49 -1.72 -7.66
N GLN B 103 2.10 -2.45 -6.74
CA GLN B 103 3.55 -2.34 -6.53
C GLN B 103 4.27 -3.21 -7.55
N ARG B 104 4.90 -2.57 -8.52
CA ARG B 104 5.57 -3.31 -9.59
C ARG B 104 6.87 -3.94 -9.13
N SER B 105 7.83 -3.11 -8.69
CA SER B 105 9.19 -3.57 -8.39
C SER B 105 9.51 -3.51 -6.89
N ASP B 106 10.77 -3.78 -6.57
CA ASP B 106 11.28 -3.58 -5.22
C ASP B 106 11.61 -2.09 -5.01
N TYR B 107 11.45 -1.31 -6.07
CA TYR B 107 11.57 0.14 -6.02
C TYR B 107 10.32 0.74 -5.38
N TRP B 108 9.34 -0.12 -5.09
CA TRP B 108 8.04 0.30 -4.58
C TRP B 108 7.45 1.37 -5.50
N ASP B 109 7.68 1.22 -6.79
CA ASP B 109 7.08 2.11 -7.79
C ASP B 109 5.65 1.70 -8.11
N PHE B 110 4.76 2.68 -8.17
CA PHE B 110 3.35 2.42 -8.45
C PHE B 110 2.96 2.99 -9.81
N ASP B 111 2.86 2.11 -10.80
CA ASP B 111 2.62 2.52 -12.18
C ASP B 111 1.12 2.54 -12.51
N VAL B 112 0.37 1.66 -11.86
CA VAL B 112 -1.06 1.54 -12.11
C VAL B 112 -1.90 1.84 -10.86
N TRP B 113 -2.78 2.83 -10.98
CA TRP B 113 -3.59 3.26 -9.85
C TRP B 113 -5.08 3.05 -10.11
N GLY B 114 -5.85 2.94 -9.03
CA GLY B 114 -7.29 2.92 -9.13
C GLY B 114 -7.80 4.32 -9.35
N SER B 115 -9.05 4.46 -9.76
CA SER B 115 -9.63 5.77 -10.00
C SER B 115 -9.75 6.56 -8.70
N GLY B 116 -9.96 5.83 -7.61
CA GLY B 116 -10.19 6.44 -6.31
C GLY B 116 -11.63 6.28 -5.89
N THR B 117 -11.85 6.11 -4.58
CA THR B 117 -13.20 6.01 -4.03
C THR B 117 -13.40 7.07 -2.96
N GLN B 118 -14.42 7.89 -3.14
CA GLN B 118 -14.72 8.95 -2.18
C GLN B 118 -15.41 8.38 -0.95
N VAL B 119 -14.83 8.61 0.24
CA VAL B 119 -15.45 8.16 1.49
C VAL B 119 -15.66 9.33 2.45
N THR B 120 -16.92 9.64 2.73
CA THR B 120 -17.26 10.78 3.59
C THR B 120 -17.79 10.32 4.94
N VAL B 121 -17.19 10.84 6.02
CA VAL B 121 -17.59 10.47 7.38
C VAL B 121 -18.02 11.68 8.21
N SER B 122 -19.27 11.66 8.67
CA SER B 122 -19.79 12.66 9.59
C SER B 122 -21.22 12.32 9.96
N SER B 123 -21.82 13.14 10.81
CA SER B 123 -23.26 13.06 11.05
C SER B 123 -23.98 13.55 9.80
N ALA B 124 -24.90 14.49 9.96
CA ALA B 124 -25.48 15.22 8.83
C ALA B 124 -26.16 14.33 7.79
N SER B 125 -27.48 14.18 7.90
CA SER B 125 -28.22 13.37 6.95
C SER B 125 -28.27 14.02 5.55
N THR B 126 -28.65 13.23 4.56
CA THR B 126 -28.72 13.71 3.18
C THR B 126 -29.69 14.87 3.00
N LYS B 127 -29.19 15.99 2.49
CA LYS B 127 -30.02 17.17 2.28
C LYS B 127 -29.74 17.83 0.95
N GLY B 128 -30.80 18.13 0.20
CA GLY B 128 -30.66 18.90 -1.02
C GLY B 128 -30.23 20.32 -0.70
N PRO B 129 -29.73 21.05 -1.70
CA PRO B 129 -29.28 22.42 -1.48
C PRO B 129 -30.36 23.44 -1.83
N SER B 130 -30.25 24.63 -1.25
CA SER B 130 -31.08 25.76 -1.66
C SER B 130 -30.27 26.61 -2.63
N VAL B 131 -30.88 26.94 -3.76
CA VAL B 131 -30.20 27.75 -4.77
C VAL B 131 -30.76 29.17 -4.86
N PHE B 132 -30.00 30.13 -4.35
CA PHE B 132 -30.40 31.52 -4.39
C PHE B 132 -29.69 32.25 -5.52
N PRO B 133 -30.36 33.22 -6.15
CA PRO B 133 -29.78 33.95 -7.28
C PRO B 133 -28.86 35.08 -6.83
N LEU B 134 -27.88 35.42 -7.66
CA LEU B 134 -27.00 36.56 -7.40
C LEU B 134 -27.18 37.63 -8.48
N ALA B 135 -27.98 38.64 -8.16
CA ALA B 135 -28.35 39.69 -9.12
C ALA B 135 -27.15 40.48 -9.64
N PRO B 136 -27.14 40.75 -10.96
CA PRO B 136 -26.05 41.46 -11.63
C PRO B 136 -26.11 42.98 -11.47
N SER B 137 -24.96 43.59 -11.19
CA SER B 137 -24.82 45.05 -11.08
C SER B 137 -25.83 45.67 -10.12
N THR B 145 -19.38 46.28 -18.71
CA THR B 145 -19.42 44.85 -18.41
C THR B 145 -19.90 44.61 -16.97
N ALA B 146 -20.45 43.42 -16.72
CA ALA B 146 -20.98 43.09 -15.40
C ALA B 146 -20.93 41.58 -15.12
N ALA B 147 -21.34 41.19 -13.93
CA ALA B 147 -21.24 39.79 -13.49
C ALA B 147 -22.45 39.34 -12.68
N LEU B 148 -22.70 38.02 -12.69
CA LEU B 148 -23.81 37.43 -11.93
C LEU B 148 -23.56 35.95 -11.62
N GLY B 149 -24.48 35.32 -10.90
CA GLY B 149 -24.35 33.91 -10.59
C GLY B 149 -25.40 33.31 -9.67
N CYS B 150 -25.10 32.13 -9.13
CA CYS B 150 -26.01 31.43 -8.22
C CYS B 150 -25.30 31.02 -6.94
N LEU B 151 -26.05 30.99 -5.84
CA LEU B 151 -25.52 30.59 -4.54
C LEU B 151 -26.13 29.26 -4.12
N VAL B 152 -25.29 28.23 -3.99
CA VAL B 152 -25.75 26.89 -3.64
C VAL B 152 -25.48 26.54 -2.18
N LYS B 153 -26.45 26.84 -1.32
CA LYS B 153 -26.22 26.78 0.12
C LYS B 153 -26.77 25.52 0.80
N ASP B 154 -26.01 25.02 1.77
CA ASP B 154 -26.47 23.99 2.71
C ASP B 154 -26.89 22.67 2.08
N TYR B 155 -25.91 21.85 1.71
CA TYR B 155 -26.19 20.52 1.19
C TYR B 155 -25.20 19.49 1.72
N PHE B 156 -25.64 18.25 1.80
CA PHE B 156 -24.77 17.14 2.20
C PHE B 156 -25.25 15.87 1.50
N PRO B 157 -24.31 15.08 0.98
CA PRO B 157 -22.87 15.37 0.93
C PRO B 157 -22.46 15.94 -0.42
N GLU B 158 -21.16 16.10 -0.63
CA GLU B 158 -20.65 16.51 -1.93
C GLU B 158 -20.82 15.36 -2.93
N PRO B 159 -20.75 15.66 -4.24
CA PRO B 159 -20.63 16.98 -4.87
C PRO B 159 -21.86 17.40 -5.66
N VAL B 160 -21.88 18.65 -6.08
CA VAL B 160 -22.87 19.14 -7.03
C VAL B 160 -22.19 19.55 -8.34
N THR B 161 -22.96 19.56 -9.42
CA THR B 161 -22.42 19.89 -10.74
C THR B 161 -23.22 21.04 -11.36
N VAL B 162 -22.59 22.20 -11.47
CA VAL B 162 -23.27 23.40 -11.95
C VAL B 162 -22.90 23.76 -13.38
N SER B 163 -23.90 23.96 -14.22
CA SER B 163 -23.68 24.47 -15.58
C SER B 163 -24.51 25.73 -15.82
N TRP B 164 -24.59 26.14 -17.08
CA TRP B 164 -25.37 27.33 -17.46
C TRP B 164 -26.00 27.15 -18.84
N ASN B 165 -27.30 27.37 -18.92
CA ASN B 165 -28.07 27.17 -20.14
C ASN B 165 -27.91 25.75 -20.70
N SER B 166 -28.01 24.77 -19.81
CA SER B 166 -27.83 23.36 -20.16
C SER B 166 -26.48 23.10 -20.85
N GLY B 167 -25.45 23.83 -20.43
CA GLY B 167 -24.12 23.65 -20.95
C GLY B 167 -23.83 24.44 -22.21
N ALA B 168 -24.65 25.46 -22.47
CA ALA B 168 -24.46 26.30 -23.64
C ALA B 168 -23.47 27.43 -23.35
N LEU B 169 -23.49 27.93 -22.12
CA LEU B 169 -22.56 28.98 -21.71
C LEU B 169 -21.47 28.44 -20.81
N THR B 170 -20.27 28.31 -21.37
CA THR B 170 -19.13 27.79 -20.62
C THR B 170 -18.01 28.84 -20.51
N SER B 171 -18.16 29.93 -21.26
CA SER B 171 -17.15 30.98 -21.30
C SER B 171 -17.08 31.76 -19.99
N GLY B 172 -15.89 31.85 -19.41
CA GLY B 172 -15.66 32.64 -18.22
C GLY B 172 -16.42 32.16 -16.99
N VAL B 173 -16.81 30.89 -17.00
CA VAL B 173 -17.51 30.30 -15.87
C VAL B 173 -16.54 29.99 -14.75
N HIS B 174 -16.85 30.45 -13.55
CA HIS B 174 -16.02 30.15 -12.38
C HIS B 174 -16.83 29.49 -11.28
N THR B 175 -16.81 28.16 -11.27
CA THR B 175 -17.49 27.39 -10.23
C THR B 175 -16.51 27.12 -9.10
N PHE B 176 -16.69 27.84 -7.99
CA PHE B 176 -15.80 27.72 -6.84
C PHE B 176 -15.93 26.39 -6.13
N PRO B 177 -14.80 25.85 -5.64
CA PRO B 177 -14.83 24.61 -4.87
C PRO B 177 -15.62 24.84 -3.58
N ALA B 178 -16.50 23.91 -3.25
CA ALA B 178 -17.36 24.04 -2.07
C ALA B 178 -16.54 24.21 -0.80
N VAL B 179 -17.15 24.83 0.21
CA VAL B 179 -16.52 24.97 1.51
C VAL B 179 -17.35 24.22 2.55
N LEU B 180 -16.72 23.86 3.65
CA LEU B 180 -17.41 23.12 4.70
C LEU B 180 -17.86 24.06 5.81
N GLN B 181 -19.13 24.42 5.79
CA GLN B 181 -19.69 25.31 6.81
C GLN B 181 -19.74 24.62 8.17
N SER B 182 -19.56 25.40 9.23
CA SER B 182 -19.44 24.89 10.59
C SER B 182 -20.64 24.05 11.04
N SER B 183 -21.75 24.19 10.33
CA SER B 183 -22.93 23.37 10.59
C SER B 183 -22.63 21.90 10.35
N GLY B 184 -21.98 21.62 9.22
CA GLY B 184 -21.70 20.26 8.81
C GLY B 184 -22.12 20.09 7.36
N LEU B 185 -22.79 21.12 6.84
CA LEU B 185 -23.25 21.12 5.46
C LEU B 185 -22.29 21.91 4.59
N TYR B 186 -22.15 21.49 3.35
CA TYR B 186 -21.29 22.19 2.40
C TYR B 186 -22.06 23.31 1.71
N SER B 187 -21.32 24.16 0.99
CA SER B 187 -21.91 25.25 0.23
C SER B 187 -20.88 25.85 -0.71
N LEU B 188 -21.30 26.18 -1.93
CA LEU B 188 -20.40 26.81 -2.88
C LEU B 188 -21.04 28.01 -3.56
N SER B 189 -20.49 28.40 -4.71
CA SER B 189 -21.03 29.49 -5.49
C SER B 189 -20.59 29.34 -6.93
N SER B 190 -21.52 29.57 -7.86
CA SER B 190 -21.20 29.54 -9.27
C SER B 190 -21.53 30.89 -9.88
N VAL B 191 -20.61 31.43 -10.67
CA VAL B 191 -20.79 32.75 -11.26
C VAL B 191 -20.35 32.81 -12.72
N VAL B 192 -20.74 33.87 -13.42
CA VAL B 192 -20.41 34.03 -14.82
C VAL B 192 -20.41 35.52 -15.22
N THR B 193 -19.63 35.85 -16.24
CA THR B 193 -19.50 37.24 -16.70
C THR B 193 -19.97 37.43 -18.13
N VAL B 194 -20.73 38.50 -18.38
CA VAL B 194 -21.25 38.81 -19.69
C VAL B 194 -21.21 40.32 -19.94
N PRO B 195 -21.24 40.74 -21.24
CA PRO B 195 -21.32 42.16 -21.58
C PRO B 195 -22.54 42.85 -20.96
N SER B 196 -22.51 44.18 -20.90
CA SER B 196 -23.57 44.93 -20.25
C SER B 196 -24.89 44.93 -21.03
N SER B 197 -24.80 44.79 -22.35
CA SER B 197 -25.99 44.82 -23.19
C SER B 197 -26.77 43.50 -23.14
N SER B 198 -26.22 42.53 -22.43
CA SER B 198 -26.81 41.20 -22.33
C SER B 198 -28.12 41.22 -21.54
N LEU B 199 -28.16 42.03 -20.49
CA LEU B 199 -29.31 42.10 -19.61
C LEU B 199 -30.50 42.76 -20.28
N GLY B 200 -31.63 42.07 -20.30
CA GLY B 200 -32.86 42.61 -20.87
C GLY B 200 -33.41 41.78 -22.01
N THR B 201 -32.56 41.00 -22.66
CA THR B 201 -32.97 40.20 -23.79
C THR B 201 -32.62 38.72 -23.63
N GLN B 202 -31.45 38.46 -23.06
CA GLN B 202 -30.97 37.09 -22.92
C GLN B 202 -31.53 36.42 -21.66
N THR B 203 -31.73 35.11 -21.73
CA THR B 203 -32.22 34.33 -20.61
C THR B 203 -31.07 33.54 -19.98
N TYR B 204 -30.79 33.80 -18.71
CA TYR B 204 -29.68 33.13 -18.02
C TYR B 204 -30.17 32.15 -16.95
N ILE B 205 -29.74 30.91 -17.07
CA ILE B 205 -30.18 29.83 -16.20
C ILE B 205 -29.00 29.04 -15.65
N CYS B 206 -28.98 28.79 -14.35
CA CYS B 206 -27.98 27.91 -13.77
C CYS B 206 -28.54 26.51 -13.51
N ASN B 207 -27.87 25.50 -14.02
CA ASN B 207 -28.31 24.12 -13.87
C ASN B 207 -27.54 23.40 -12.77
N VAL B 208 -28.23 23.12 -11.67
CA VAL B 208 -27.60 22.53 -10.49
C VAL B 208 -28.11 21.12 -10.21
N ASN B 209 -27.18 20.18 -10.06
CA ASN B 209 -27.55 18.79 -9.79
C ASN B 209 -26.88 18.24 -8.54
N HIS B 210 -27.69 17.73 -7.62
CA HIS B 210 -27.17 17.06 -6.44
C HIS B 210 -27.71 15.64 -6.39
N LYS B 211 -27.01 14.73 -7.06
CA LYS B 211 -27.42 13.33 -7.16
C LYS B 211 -27.74 12.60 -5.83
N PRO B 212 -26.89 12.76 -4.80
CA PRO B 212 -27.18 12.06 -3.54
C PRO B 212 -28.55 12.37 -2.91
N SER B 213 -29.12 13.53 -3.21
CA SER B 213 -30.46 13.85 -2.71
C SER B 213 -31.48 13.83 -3.85
N ASN B 214 -31.03 13.41 -5.03
CA ASN B 214 -31.85 13.36 -6.23
C ASN B 214 -32.57 14.69 -6.50
N THR B 215 -31.87 15.79 -6.22
CA THR B 215 -32.45 17.12 -6.32
C THR B 215 -31.95 17.87 -7.55
N LYS B 216 -32.87 18.20 -8.45
CA LYS B 216 -32.54 18.92 -9.67
C LYS B 216 -33.21 20.29 -9.67
N VAL B 217 -32.44 21.33 -9.97
CA VAL B 217 -32.95 22.70 -9.94
C VAL B 217 -32.40 23.54 -11.09
N ASP B 218 -33.31 24.22 -11.79
CA ASP B 218 -32.93 25.17 -12.84
C ASP B 218 -33.45 26.55 -12.46
N LYS B 219 -32.55 27.45 -12.09
CA LYS B 219 -32.95 28.77 -11.62
C LYS B 219 -32.63 29.85 -12.64
N LYS B 220 -33.53 30.82 -12.77
CA LYS B 220 -33.30 31.95 -13.67
C LYS B 220 -32.79 33.15 -12.91
N VAL B 221 -31.63 33.66 -13.33
CA VAL B 221 -31.06 34.84 -12.71
C VAL B 221 -31.47 36.09 -13.48
N GLU B 222 -31.87 37.14 -12.76
CA GLU B 222 -32.33 38.37 -13.38
C GLU B 222 -32.28 39.54 -12.39
N PRO B 223 -32.00 40.76 -12.90
CA PRO B 223 -31.88 41.94 -12.05
C PRO B 223 -33.23 42.39 -11.49
N ASP C 1 13.13 3.93 9.58
CA ASP C 1 13.99 5.04 9.99
C ASP C 1 14.39 5.89 8.79
N ILE C 2 13.54 5.87 7.76
CA ILE C 2 13.81 6.58 6.52
C ILE C 2 13.24 7.99 6.52
N GLN C 3 14.11 8.98 6.37
CA GLN C 3 13.69 10.38 6.40
C GLN C 3 13.90 11.06 5.05
N MET C 4 12.99 11.98 4.72
CA MET C 4 13.00 12.65 3.43
C MET C 4 12.36 14.04 3.51
N THR C 5 12.90 14.99 2.75
CA THR C 5 12.34 16.35 2.72
C THR C 5 11.97 16.79 1.32
N GLN C 6 11.48 18.02 1.20
CA GLN C 6 11.03 18.57 -0.08
C GLN C 6 11.77 19.88 -0.40
N SER C 7 11.50 20.44 -1.57
CA SER C 7 12.13 21.67 -2.03
C SER C 7 11.03 22.68 -2.40
N PRO C 8 11.31 24.00 -2.24
CA PRO C 8 10.36 25.11 -2.23
C PRO C 8 8.85 24.87 -2.03
N SER C 9 8.33 23.70 -2.44
CA SER C 9 6.92 23.33 -2.21
C SER C 9 5.91 24.19 -2.98
N SER C 10 6.38 25.25 -3.61
CA SER C 10 5.56 26.10 -4.46
C SER C 10 6.44 27.02 -5.29
N LEU C 11 6.37 26.89 -6.60
CA LEU C 11 7.11 27.78 -7.50
C LEU C 11 6.36 28.03 -8.82
N SER C 12 6.79 29.06 -9.55
CA SER C 12 6.16 29.42 -10.81
C SER C 12 7.17 29.73 -11.91
N ALA C 13 6.84 29.33 -13.14
CA ALA C 13 7.72 29.52 -14.29
C ALA C 13 6.91 29.60 -15.59
N SER C 14 7.48 30.22 -16.61
CA SER C 14 6.76 30.47 -17.87
C SER C 14 6.70 29.26 -18.81
N VAL C 15 5.98 29.42 -19.92
CA VAL C 15 5.80 28.37 -20.91
C VAL C 15 7.12 28.05 -21.62
N GLY C 16 7.37 26.76 -21.83
CA GLY C 16 8.59 26.33 -22.50
C GLY C 16 9.82 26.66 -21.66
N ASP C 17 9.82 26.19 -20.42
CA ASP C 17 10.89 26.51 -19.50
C ASP C 17 11.46 25.25 -18.84
N THR C 18 12.54 25.42 -18.08
CA THR C 18 13.18 24.31 -17.39
C THR C 18 13.10 24.47 -15.88
N VAL C 19 12.39 23.54 -15.24
CA VAL C 19 12.17 23.60 -13.79
C VAL C 19 12.71 22.36 -13.09
N THR C 20 13.18 22.53 -11.85
CA THR C 20 13.72 21.42 -11.08
C THR C 20 13.23 21.44 -9.62
N ILE C 21 13.01 20.24 -9.07
CA ILE C 21 12.68 20.08 -7.65
C ILE C 21 13.54 19.00 -7.01
N THR C 22 13.83 19.16 -5.72
CA THR C 22 14.77 18.28 -5.04
C THR C 22 14.20 17.64 -3.78
N CYS C 23 14.50 16.35 -3.59
CA CYS C 23 14.20 15.67 -2.35
C CYS C 23 15.50 15.17 -1.74
N GLN C 24 15.51 14.96 -0.43
CA GLN C 24 16.68 14.41 0.24
C GLN C 24 16.31 13.19 1.07
N ALA C 25 16.43 12.02 0.46
CA ALA C 25 16.06 10.77 1.11
C ALA C 25 17.22 9.77 1.10
N ASN C 26 17.01 8.61 1.71
CA ASN C 26 18.00 7.55 1.73
C ASN C 26 17.44 6.20 1.29
N GLY C 27 16.72 6.19 0.18
CA GLY C 27 16.12 4.98 -0.35
C GLY C 27 15.63 5.15 -1.77
N TYR C 28 15.02 4.09 -2.32
CA TYR C 28 14.52 4.13 -3.69
C TYR C 28 13.44 5.20 -3.86
N LEU C 29 13.80 6.28 -4.54
CA LEU C 29 12.89 7.40 -4.72
C LEU C 29 12.15 7.35 -6.05
N ASN C 30 10.87 7.70 -6.02
CA ASN C 30 10.07 7.75 -7.24
C ASN C 30 9.38 9.12 -7.35
N TRP C 31 9.04 9.51 -8.57
CA TRP C 31 8.37 10.79 -8.79
C TRP C 31 6.98 10.59 -9.37
N TYR C 32 6.00 11.33 -8.86
CA TYR C 32 4.64 11.25 -9.39
C TYR C 32 4.08 12.63 -9.75
N GLN C 33 3.13 12.63 -10.69
CA GLN C 33 2.37 13.82 -11.02
C GLN C 33 0.91 13.58 -10.72
N GLN C 34 0.27 14.55 -10.07
CA GLN C 34 -1.16 14.43 -9.81
C GLN C 34 -1.93 15.69 -10.20
N ARG C 35 -2.87 15.53 -11.12
CA ARG C 35 -3.77 16.61 -11.49
C ARG C 35 -4.96 16.60 -10.54
N ARG C 36 -5.56 17.76 -10.31
CA ARG C 36 -6.63 17.87 -9.33
C ARG C 36 -7.82 16.96 -9.63
N GLY C 37 -8.16 16.12 -8.66
CA GLY C 37 -9.35 15.26 -8.74
C GLY C 37 -9.09 13.91 -9.38
N LYS C 38 -7.84 13.59 -9.65
CA LYS C 38 -7.50 12.36 -10.34
C LYS C 38 -6.38 11.59 -9.64
N ALA C 39 -6.16 10.36 -10.08
CA ALA C 39 -5.15 9.49 -9.48
C ALA C 39 -3.74 9.88 -9.93
N PRO C 40 -2.72 9.58 -9.09
CA PRO C 40 -1.33 9.89 -9.43
C PRO C 40 -0.84 9.15 -10.69
N LYS C 41 0.12 9.76 -11.38
CA LYS C 41 0.76 9.12 -12.53
C LYS C 41 2.25 9.03 -12.29
N LEU C 42 2.80 7.82 -12.34
CA LEU C 42 4.23 7.62 -12.18
C LEU C 42 4.98 8.30 -13.32
N LEU C 43 6.10 8.94 -13.00
CA LEU C 43 6.93 9.61 -14.01
C LEU C 43 8.33 9.03 -14.08
N ILE C 44 8.92 8.76 -12.92
CA ILE C 44 10.27 8.25 -12.83
C ILE C 44 10.43 7.28 -11.66
N TYR C 45 11.04 6.13 -11.93
CA TYR C 45 11.35 5.17 -10.87
C TYR C 45 12.86 5.05 -10.67
N ASP C 46 13.25 4.74 -9.43
CA ASP C 46 14.67 4.59 -9.06
C ASP C 46 15.50 5.84 -9.32
N GLY C 47 14.85 6.99 -9.36
CA GLY C 47 15.56 8.26 -9.46
C GLY C 47 15.84 8.76 -10.86
N SER C 48 16.25 7.85 -11.75
CA SER C 48 16.70 8.26 -13.08
C SER C 48 15.94 7.58 -14.22
N LYS C 49 15.32 6.44 -13.92
CA LYS C 49 14.71 5.62 -14.95
C LYS C 49 13.33 6.13 -15.37
N LEU C 50 13.25 6.63 -16.60
CA LEU C 50 12.02 7.25 -17.09
C LEU C 50 10.95 6.21 -17.46
N GLU C 51 9.72 6.44 -16.96
CA GLU C 51 8.58 5.58 -17.27
C GLU C 51 8.11 5.78 -18.71
N ARG C 52 7.70 4.69 -19.35
CA ARG C 52 7.30 4.74 -20.75
C ARG C 52 5.96 5.44 -20.95
N GLY C 53 5.74 5.95 -22.15
CA GLY C 53 4.55 6.72 -22.46
C GLY C 53 4.55 8.04 -21.71
N VAL C 54 5.74 8.61 -21.56
CA VAL C 54 5.91 9.87 -20.85
C VAL C 54 6.94 10.71 -21.59
N PRO C 55 6.57 11.97 -21.91
CA PRO C 55 7.39 12.92 -22.67
C PRO C 55 8.86 12.95 -22.23
N SER C 56 9.76 13.05 -23.20
CA SER C 56 11.19 13.00 -22.94
C SER C 56 11.73 14.26 -22.27
N ARG C 57 10.83 15.19 -21.96
CA ARG C 57 11.19 16.42 -21.27
C ARG C 57 11.65 16.10 -19.85
N PHE C 58 11.06 15.08 -19.26
CA PHE C 58 11.31 14.72 -17.86
C PHE C 58 12.58 13.90 -17.69
N SER C 59 13.25 14.10 -16.56
CA SER C 59 14.47 13.35 -16.23
C SER C 59 14.78 13.45 -14.73
N GLY C 60 15.71 12.62 -14.26
CA GLY C 60 16.09 12.63 -12.86
C GLY C 60 17.56 12.33 -12.64
N ARG C 61 18.21 13.10 -11.77
CA ARG C 61 19.62 12.90 -11.45
C ARG C 61 19.77 12.09 -10.16
N ARG C 62 20.59 11.04 -10.22
CA ARG C 62 20.74 10.12 -9.10
C ARG C 62 22.12 10.24 -8.47
N TRP C 63 22.48 11.44 -8.02
CA TRP C 63 23.78 11.64 -7.40
C TRP C 63 23.67 12.01 -5.93
N GLY C 64 24.41 11.30 -5.10
CA GLY C 64 24.45 11.55 -3.67
C GLY C 64 23.20 11.15 -2.94
N GLN C 65 22.70 12.06 -2.10
CA GLN C 65 21.55 11.78 -1.27
C GLN C 65 20.34 12.55 -1.78
N GLU C 66 20.57 13.49 -2.72
CA GLU C 66 19.49 14.28 -3.27
C GLU C 66 19.05 13.81 -4.66
N TYR C 67 17.77 13.99 -4.95
CA TYR C 67 17.18 13.53 -6.19
C TYR C 67 16.53 14.70 -6.94
N ASN C 68 17.02 14.99 -8.13
CA ASN C 68 16.45 16.05 -8.95
C ASN C 68 15.36 15.57 -9.90
N LEU C 69 14.39 16.44 -10.18
CA LEU C 69 13.39 16.18 -11.20
C LEU C 69 13.29 17.38 -12.13
N THR C 70 13.61 17.18 -13.40
CA THR C 70 13.70 18.28 -14.35
C THR C 70 12.61 18.20 -15.42
N ILE C 71 12.10 19.35 -15.85
CA ILE C 71 11.09 19.42 -16.89
C ILE C 71 11.45 20.46 -17.97
N ASN C 72 11.66 19.99 -19.20
CA ASN C 72 11.98 20.88 -20.32
C ASN C 72 10.77 21.18 -21.19
N ASN C 73 10.81 22.32 -21.89
CA ASN C 73 9.73 22.73 -22.79
C ASN C 73 8.36 22.67 -22.12
N LEU C 74 8.19 23.44 -21.06
CA LEU C 74 6.98 23.38 -20.25
C LEU C 74 5.70 23.57 -21.08
N GLN C 75 4.89 22.52 -21.13
CA GLN C 75 3.64 22.52 -21.88
C GLN C 75 2.47 22.86 -20.95
N PRO C 76 1.33 23.30 -21.52
CA PRO C 76 0.17 23.63 -20.69
C PRO C 76 -0.36 22.44 -19.90
N GLU C 77 -0.05 21.23 -20.36
CA GLU C 77 -0.51 20.01 -19.71
C GLU C 77 0.34 19.68 -18.47
N ASP C 78 1.51 20.30 -18.38
CA ASP C 78 2.46 19.99 -17.32
C ASP C 78 2.11 20.66 -15.99
N ILE C 79 1.16 21.59 -16.01
CA ILE C 79 0.77 22.31 -14.80
C ILE C 79 -0.04 21.46 -13.83
N ALA C 80 0.62 20.99 -12.78
CA ALA C 80 -0.02 20.19 -11.75
C ALA C 80 0.89 20.12 -10.53
N THR C 81 0.50 19.35 -9.52
CA THR C 81 1.35 19.16 -8.35
C THR C 81 2.29 17.97 -8.58
N TYR C 82 3.46 18.01 -7.94
CA TYR C 82 4.43 16.93 -8.07
C TYR C 82 5.00 16.57 -6.71
N PHE C 83 5.37 15.30 -6.53
CA PHE C 83 5.90 14.83 -5.25
C PHE C 83 6.74 13.56 -5.37
N CYS C 84 7.57 13.32 -4.35
CA CYS C 84 8.43 12.14 -4.31
C CYS C 84 7.96 11.11 -3.29
N GLN C 85 8.46 9.88 -3.41
CA GLN C 85 8.01 8.79 -2.57
C GLN C 85 9.12 7.76 -2.35
N VAL C 86 9.34 7.41 -1.09
CA VAL C 86 10.29 6.36 -0.74
C VAL C 86 9.58 5.33 0.12
N TYR C 87 9.42 4.13 -0.42
CA TYR C 87 8.65 3.09 0.25
C TYR C 87 7.27 3.60 0.63
N GLU C 88 6.86 3.42 1.88
CA GLU C 88 5.53 3.83 2.28
C GLU C 88 5.43 5.33 2.59
N PHE C 89 6.56 6.02 2.53
CA PHE C 89 6.63 7.43 2.88
C PHE C 89 6.51 8.37 1.69
N VAL C 90 5.71 9.41 1.85
CA VAL C 90 5.42 10.36 0.79
C VAL C 90 5.40 11.77 1.39
N VAL C 91 5.81 12.75 0.58
CA VAL C 91 5.77 14.16 0.96
C VAL C 91 4.53 14.81 0.32
N PRO C 92 3.89 15.76 1.02
CA PRO C 92 2.78 16.58 0.50
C PRO C 92 2.95 16.96 -0.97
N GLY C 93 4.08 17.60 -1.31
CA GLY C 93 4.36 17.90 -2.70
C GLY C 93 4.71 19.35 -2.99
N THR C 94 4.41 19.78 -4.21
CA THR C 94 4.79 21.11 -4.69
C THR C 94 3.85 21.57 -5.81
N ARG C 95 3.09 22.64 -5.55
CA ARG C 95 2.16 23.19 -6.53
C ARG C 95 2.90 23.89 -7.67
N LEU C 96 2.21 24.07 -8.79
CA LEU C 96 2.84 24.65 -9.98
C LEU C 96 1.92 25.65 -10.68
N ASP C 97 2.51 26.70 -11.24
CA ASP C 97 1.76 27.74 -11.94
C ASP C 97 2.69 28.50 -12.87
N LEU C 98 2.12 29.24 -13.82
CA LEU C 98 2.94 30.03 -14.75
C LEU C 98 3.03 31.50 -14.34
N LYS C 99 3.49 32.36 -15.25
CA LYS C 99 3.79 33.74 -14.89
C LYS C 99 3.37 34.81 -15.90
N ARG C 100 3.55 36.06 -15.48
CA ARG C 100 3.54 37.24 -16.35
C ARG C 100 2.24 37.60 -17.07
N THR C 101 1.11 37.11 -16.56
CA THR C 101 -0.18 37.59 -17.00
C THR C 101 -0.73 38.51 -15.92
N VAL C 102 0.05 39.53 -15.59
CA VAL C 102 -0.26 40.43 -14.48
C VAL C 102 -1.55 41.21 -14.75
N ALA C 103 -2.61 40.84 -14.05
CA ALA C 103 -3.92 41.46 -14.27
C ALA C 103 -4.62 41.83 -12.97
N ALA C 104 -5.40 42.89 -13.03
CA ALA C 104 -6.19 43.33 -11.90
C ALA C 104 -7.45 42.47 -11.77
N PRO C 105 -7.92 42.24 -10.54
CA PRO C 105 -9.17 41.51 -10.35
C PRO C 105 -10.37 42.37 -10.71
N SER C 106 -11.38 41.76 -11.32
CA SER C 106 -12.64 42.45 -11.59
C SER C 106 -13.54 42.28 -10.38
N VAL C 107 -13.45 43.21 -9.44
CA VAL C 107 -14.10 43.05 -8.14
C VAL C 107 -15.58 43.43 -8.13
N PHE C 108 -16.43 42.46 -7.79
CA PHE C 108 -17.86 42.69 -7.68
C PHE C 108 -18.37 42.40 -6.26
N ILE C 109 -19.58 42.89 -5.97
CA ILE C 109 -20.20 42.66 -4.67
C ILE C 109 -21.66 42.27 -4.85
N PHE C 110 -22.13 41.33 -4.03
CA PHE C 110 -23.49 40.81 -4.15
C PHE C 110 -24.26 40.88 -2.84
N PRO C 111 -25.47 41.46 -2.89
CA PRO C 111 -26.33 41.49 -1.71
C PRO C 111 -27.07 40.16 -1.59
N PRO C 112 -27.66 39.87 -0.42
CA PRO C 112 -28.44 38.64 -0.29
C PRO C 112 -29.75 38.71 -1.10
N SER C 113 -30.18 37.56 -1.60
CA SER C 113 -31.42 37.45 -2.34
C SER C 113 -32.61 37.61 -1.41
N ASP C 114 -33.73 38.08 -1.95
CA ASP C 114 -34.94 38.24 -1.16
C ASP C 114 -35.49 36.89 -0.73
N GLU C 115 -35.27 35.88 -1.57
CA GLU C 115 -35.71 34.53 -1.27
C GLU C 115 -34.94 33.97 -0.09
N GLN C 116 -33.68 34.39 0.05
CA GLN C 116 -32.85 33.94 1.16
C GLN C 116 -33.31 34.54 2.49
N LEU C 117 -33.71 35.80 2.46
CA LEU C 117 -34.08 36.51 3.69
C LEU C 117 -35.35 35.98 4.35
N LYS C 118 -36.14 35.23 3.60
CA LYS C 118 -37.36 34.65 4.14
C LYS C 118 -37.06 33.51 5.12
N SER C 119 -35.94 32.82 4.88
CA SER C 119 -35.53 31.73 5.74
C SER C 119 -34.62 32.22 6.87
N GLY C 120 -34.56 33.53 7.05
CA GLY C 120 -33.81 34.14 8.14
C GLY C 120 -32.31 33.93 8.05
N THR C 121 -31.75 34.15 6.87
CA THR C 121 -30.31 34.03 6.66
C THR C 121 -29.86 34.99 5.57
N ALA C 122 -28.77 35.72 5.82
CA ALA C 122 -28.25 36.66 4.83
C ALA C 122 -26.79 36.37 4.52
N SER C 123 -26.52 36.00 3.27
CA SER C 123 -25.15 35.78 2.82
C SER C 123 -24.72 36.82 1.81
N VAL C 124 -23.74 37.63 2.18
CA VAL C 124 -23.20 38.63 1.29
C VAL C 124 -21.96 38.09 0.59
N VAL C 125 -21.93 38.18 -0.73
CA VAL C 125 -20.83 37.63 -1.51
C VAL C 125 -20.04 38.73 -2.23
N CYS C 126 -18.74 38.77 -1.99
CA CYS C 126 -17.86 39.64 -2.74
C CYS C 126 -17.02 38.79 -3.68
N LEU C 127 -16.93 39.21 -4.93
CA LEU C 127 -16.27 38.41 -5.95
C LEU C 127 -15.06 39.11 -6.55
N LEU C 128 -13.93 38.40 -6.58
CA LEU C 128 -12.78 38.83 -7.34
C LEU C 128 -12.70 37.99 -8.60
N ASN C 129 -12.40 38.62 -9.74
CA ASN C 129 -12.46 37.90 -11.00
C ASN C 129 -11.25 38.11 -11.92
N ASN C 130 -10.59 37.00 -12.26
CA ASN C 130 -9.48 36.99 -13.23
C ASN C 130 -8.33 37.91 -12.88
N PHE C 131 -7.34 37.38 -12.16
CA PHE C 131 -6.19 38.18 -11.72
C PHE C 131 -4.92 37.33 -11.57
N TYR C 132 -3.81 38.00 -11.27
CA TYR C 132 -2.54 37.33 -11.05
C TYR C 132 -1.56 38.30 -10.40
N PRO C 133 -0.80 37.83 -9.39
CA PRO C 133 -0.78 36.48 -8.83
C PRO C 133 -1.94 36.21 -7.87
N ARG C 134 -1.93 35.03 -7.25
CA ARG C 134 -3.05 34.59 -6.42
C ARG C 134 -3.15 35.33 -5.09
N GLU C 135 -2.07 35.99 -4.69
CA GLU C 135 -2.04 36.68 -3.41
C GLU C 135 -2.91 37.93 -3.38
N ALA C 136 -4.00 37.87 -2.63
CA ALA C 136 -4.89 39.01 -2.45
C ALA C 136 -5.28 39.16 -0.98
N LYS C 137 -6.00 40.22 -0.66
CA LYS C 137 -6.45 40.46 0.72
C LYS C 137 -7.83 41.11 0.74
N VAL C 138 -8.78 40.41 1.34
CA VAL C 138 -10.16 40.88 1.39
C VAL C 138 -10.63 41.02 2.83
N GLN C 139 -11.16 42.19 3.16
CA GLN C 139 -11.73 42.43 4.49
C GLN C 139 -13.10 43.09 4.39
N TRP C 140 -14.03 42.61 5.21
CA TRP C 140 -15.37 43.16 5.24
C TRP C 140 -15.49 44.31 6.23
N LYS C 141 -16.03 45.43 5.77
CA LYS C 141 -16.36 46.54 6.65
C LYS C 141 -17.88 46.74 6.75
N VAL C 142 -18.40 46.66 7.98
CA VAL C 142 -19.82 46.86 8.24
C VAL C 142 -20.02 48.15 9.02
N ASP C 143 -20.67 49.12 8.38
CA ASP C 143 -20.78 50.48 8.93
C ASP C 143 -19.41 51.00 9.34
N ASN C 144 -18.43 50.79 8.48
CA ASN C 144 -17.03 51.17 8.72
C ASN C 144 -16.37 50.42 9.88
N ALA C 145 -16.74 49.15 10.04
CA ALA C 145 -16.14 48.31 11.08
C ALA C 145 -15.59 47.01 10.49
N LEU C 146 -14.30 46.75 10.74
CA LEU C 146 -13.65 45.55 10.24
C LEU C 146 -14.30 44.29 10.78
N GLN C 147 -14.66 43.38 9.87
CA GLN C 147 -15.34 42.15 10.25
C GLN C 147 -14.38 40.97 10.19
N SER C 148 -14.17 40.33 11.34
CA SER C 148 -13.21 39.23 11.43
C SER C 148 -13.76 38.02 12.17
N GLY C 149 -13.59 36.85 11.58
CA GLY C 149 -14.02 35.60 12.19
C GLY C 149 -15.27 35.00 11.57
N ASN C 150 -16.06 35.84 10.91
CA ASN C 150 -17.30 35.37 10.30
C ASN C 150 -17.28 35.43 8.77
N SER C 151 -16.17 34.99 8.19
CA SER C 151 -16.02 35.02 6.74
C SER C 151 -15.39 33.74 6.21
N GLN C 152 -15.90 33.27 5.08
CA GLN C 152 -15.32 32.10 4.41
C GLN C 152 -15.07 32.40 2.95
N GLU C 153 -13.83 32.23 2.50
CA GLU C 153 -13.50 32.46 1.10
C GLU C 153 -13.12 31.17 0.39
N SER C 154 -13.23 31.20 -0.94
CA SER C 154 -12.92 30.03 -1.76
C SER C 154 -12.16 30.45 -3.02
N VAL C 155 -11.19 29.62 -3.43
CA VAL C 155 -10.34 29.95 -4.57
C VAL C 155 -10.42 28.87 -5.65
N THR C 156 -10.43 29.28 -6.91
CA THR C 156 -10.42 28.35 -8.04
C THR C 156 -8.99 27.96 -8.39
N GLU C 157 -8.85 26.88 -9.14
CA GLU C 157 -7.54 26.52 -9.69
C GLU C 157 -7.21 27.48 -10.81
N GLN C 158 -5.94 27.56 -11.17
CA GLN C 158 -5.51 28.44 -12.24
C GLN C 158 -6.20 28.06 -13.53
N ASP C 159 -6.81 29.05 -14.20
CA ASP C 159 -7.51 28.80 -15.45
C ASP C 159 -6.53 28.44 -16.55
N SER C 160 -6.95 27.54 -17.45
CA SER C 160 -6.07 26.97 -18.44
C SER C 160 -5.51 27.98 -19.45
N LYS C 161 -6.35 28.93 -19.88
CA LYS C 161 -5.94 29.85 -20.94
C LYS C 161 -5.36 31.18 -20.44
N ASP C 162 -6.16 31.96 -19.74
CA ASP C 162 -5.73 33.30 -19.31
C ASP C 162 -4.80 33.26 -18.10
N SER C 163 -4.65 32.06 -17.52
CA SER C 163 -3.73 31.84 -16.40
C SER C 163 -4.06 32.72 -15.20
N THR C 164 -5.34 32.84 -14.88
CA THR C 164 -5.77 33.70 -13.79
C THR C 164 -6.53 32.96 -12.69
N TYR C 165 -6.79 33.66 -11.60
CA TYR C 165 -7.49 33.07 -10.46
C TYR C 165 -8.84 33.75 -10.23
N SER C 166 -9.57 33.25 -9.24
CA SER C 166 -10.86 33.82 -8.85
C SER C 166 -11.16 33.49 -7.40
N LEU C 167 -11.52 34.50 -6.62
CA LEU C 167 -11.77 34.32 -5.19
C LEU C 167 -13.13 34.84 -4.80
N SER C 168 -13.87 34.04 -4.04
CA SER C 168 -15.21 34.41 -3.58
C SER C 168 -15.32 34.37 -2.06
N SER C 169 -15.50 35.53 -1.45
CA SER C 169 -15.67 35.61 -0.01
C SER C 169 -17.13 35.80 0.37
N THR C 170 -17.59 35.00 1.31
CA THR C 170 -18.98 35.03 1.72
C THR C 170 -19.12 35.40 3.18
N LEU C 171 -19.66 36.59 3.42
CA LEU C 171 -20.01 37.00 4.77
C LEU C 171 -21.39 36.44 5.09
N THR C 172 -21.51 35.77 6.23
CA THR C 172 -22.76 35.14 6.61
C THR C 172 -23.19 35.56 8.01
N LEU C 173 -24.41 36.10 8.11
CA LEU C 173 -24.93 36.59 9.38
C LEU C 173 -26.45 36.47 9.47
N SER C 174 -26.98 36.62 10.68
CA SER C 174 -28.42 36.50 10.90
C SER C 174 -29.19 37.62 10.22
N LYS C 175 -30.45 37.33 9.88
CA LYS C 175 -31.33 38.29 9.24
C LYS C 175 -31.50 39.55 10.09
N ALA C 176 -31.57 39.35 11.41
CA ALA C 176 -31.72 40.46 12.34
C ALA C 176 -30.55 41.44 12.26
N ASP C 177 -29.34 40.88 12.16
CA ASP C 177 -28.13 41.70 12.11
C ASP C 177 -27.94 42.36 10.75
N TYR C 178 -28.43 41.72 9.70
CA TYR C 178 -28.35 42.29 8.36
C TYR C 178 -29.23 43.53 8.26
N GLU C 179 -30.44 43.43 8.79
CA GLU C 179 -31.39 44.54 8.78
C GLU C 179 -31.02 45.60 9.81
N LYS C 180 -29.86 45.46 10.43
CA LYS C 180 -29.43 46.36 11.49
C LYS C 180 -28.50 47.45 10.97
N HIS C 181 -27.74 47.14 9.93
CA HIS C 181 -26.79 48.09 9.37
C HIS C 181 -27.15 48.45 7.94
N LYS C 182 -26.63 49.57 7.44
CA LYS C 182 -26.95 50.03 6.10
C LYS C 182 -25.86 49.71 5.08
N VAL C 183 -24.64 50.20 5.32
CA VAL C 183 -23.56 50.09 4.35
C VAL C 183 -22.64 48.90 4.60
N TYR C 184 -22.56 48.01 3.61
CA TYR C 184 -21.66 46.86 3.68
C TYR C 184 -20.60 46.97 2.60
N ALA C 185 -19.34 46.94 3.00
CA ALA C 185 -18.23 47.16 2.09
C ALA C 185 -17.34 45.94 1.94
N CYS C 186 -16.77 45.77 0.75
CA CYS C 186 -15.85 44.67 0.48
C CYS C 186 -14.55 45.21 -0.12
N GLU C 187 -13.70 45.76 0.74
CA GLU C 187 -12.44 46.35 0.30
C GLU C 187 -11.46 45.28 -0.18
N VAL C 188 -10.72 45.60 -1.24
CA VAL C 188 -9.82 44.63 -1.86
C VAL C 188 -8.38 45.14 -1.92
N THR C 189 -7.43 44.27 -1.55
CA THR C 189 -6.03 44.61 -1.61
C THR C 189 -5.27 43.66 -2.53
N HIS C 190 -4.60 44.22 -3.53
CA HIS C 190 -3.82 43.44 -4.48
C HIS C 190 -2.53 44.18 -4.82
N GLN C 191 -1.46 43.44 -5.06
CA GLN C 191 -0.18 44.04 -5.40
C GLN C 191 -0.25 44.78 -6.72
N GLY C 192 -1.12 44.31 -7.62
CA GLY C 192 -1.29 44.91 -8.93
C GLY C 192 -1.97 46.26 -8.86
N LEU C 193 -2.99 46.38 -8.02
CA LEU C 193 -3.75 47.61 -7.89
C LEU C 193 -2.93 48.72 -7.24
N SER C 194 -2.93 49.89 -7.89
CA SER C 194 -2.24 51.06 -7.36
C SER C 194 -2.84 51.44 -6.01
N SER C 195 -4.16 51.36 -5.92
CA SER C 195 -4.86 51.65 -4.68
C SER C 195 -5.83 50.50 -4.38
N PRO C 196 -6.18 50.32 -3.10
CA PRO C 196 -7.19 49.32 -2.73
C PRO C 196 -8.56 49.68 -3.30
N VAL C 197 -9.18 48.74 -4.02
CA VAL C 197 -10.48 48.98 -4.61
C VAL C 197 -11.61 48.59 -3.65
N THR C 198 -12.46 49.56 -3.33
CA THR C 198 -13.56 49.33 -2.39
C THR C 198 -14.90 49.36 -3.10
N LYS C 199 -15.66 48.28 -2.96
CA LYS C 199 -17.02 48.22 -3.49
C LYS C 199 -18.01 48.07 -2.34
N SER C 200 -19.15 48.75 -2.45
CA SER C 200 -20.13 48.75 -1.37
C SER C 200 -21.57 48.78 -1.89
N PHE C 201 -22.50 48.82 -0.94
CA PHE C 201 -23.92 49.00 -1.25
C PHE C 201 -24.69 49.36 0.02
N ASN C 202 -25.70 50.19 -0.12
CA ASN C 202 -26.59 50.48 0.99
C ASN C 202 -27.79 49.55 0.97
N ARG C 203 -28.12 48.97 2.12
CA ARG C 203 -29.25 48.07 2.21
C ARG C 203 -30.55 48.82 1.91
N GLY C 204 -30.99 48.74 0.66
CA GLY C 204 -32.19 49.43 0.22
C GLY C 204 -31.92 50.47 -0.85
#